data_8XV3
#
_entry.id   8XV3
#
_cell.length_a   49.321
_cell.length_b   81.764
_cell.length_c   158.428
_cell.angle_alpha   90.000
_cell.angle_beta   90.000
_cell.angle_gamma   90.000
#
_symmetry.space_group_name_H-M   'P 21 21 21'
#
loop_
_entity.id
_entity.type
_entity.pdbx_description
1 polymer "cAMP and cAMP-inhibited cGMP 3',5'-cyclic phosphodiesterase 10A"
2 non-polymer 2,6-diazaspiro[3.3]heptan-2-yl-[2-[[4-[5-(2-methylpyridin-4-yl)-3-(trifluoromethyl)pyrazol-1-yl]phenoxy]methyl]quinolin-4-yl]methanone
3 non-polymer 'ZINC ION'
4 non-polymer 'MAGNESIUM ION'
5 water water
#
_entity_poly.entity_id   1
_entity_poly.type   'polypeptide(L)'
_entity_poly.pdbx_seq_one_letter_code
;SICTSEEWQGLMQFTLPVRLCKEIELFHFDIGPFENMWPGIFVYMVHRSCGTSCFELEKLCRFIMSVKKNYRRVPYHNWK
HAVTVAHCMYAILQNNHTLFTDLERKGLLIACLCHDLDHRGFSNSYLQKFDHPLAALYSTSTMEQHHFSQTVSILQLEGH
NIFSTLSSSEYEQVLEIIRKAIIATDLALYFGNRKQLEEMYQTGSLNLNNQSHRDRVIGLMMTACDLCSVTKLWPVTKLT
ANDIYAEFWAEGDEMKKLGIQPIPMMDRDKKDEVPQGQLGFYNAVAIPCYTTLTQILPPTEPLLKACRDNLSQWEKVIRG
EE
;
_entity_poly.pdbx_strand_id   A,B
#
loop_
_chem_comp.id
_chem_comp.type
_chem_comp.name
_chem_comp.formula
A1LWO non-polymer 2,6-diazaspiro[3.3]heptan-2-yl-[2-[[4-[5-(2-methylpyridin-4-yl)-3-(trifluoromethyl)pyrazol-1-yl]phenoxy]methyl]quinolin-4-yl]methanone 'C32 H27 F3 N6 O2'
MG non-polymer 'MAGNESIUM ION' 'Mg 2'
ZN non-polymer 'ZINC ION' 'Zn 2'
#
# COMPACT_ATOMS: atom_id res chain seq x y z
N GLN A 9 15.93 -16.90 40.78
CA GLN A 9 15.24 -15.86 40.02
C GLN A 9 13.74 -15.92 40.27
N GLY A 10 13.15 -14.77 40.65
CA GLY A 10 11.72 -14.67 40.79
C GLY A 10 10.96 -15.00 39.52
N LEU A 11 11.63 -14.98 38.37
CA LEU A 11 11.00 -15.32 37.10
C LEU A 11 10.40 -16.72 37.13
N MET A 12 11.08 -17.65 37.80
CA MET A 12 10.54 -19.01 37.94
C MET A 12 9.25 -19.01 38.74
N GLN A 13 9.18 -18.19 39.79
CA GLN A 13 8.05 -18.17 40.69
C GLN A 13 6.88 -17.36 40.18
N PHE A 14 6.93 -16.86 38.95
CA PHE A 14 5.88 -16.02 38.40
C PHE A 14 4.90 -16.85 37.58
N THR A 15 3.61 -16.57 37.77
CA THR A 15 2.55 -17.10 36.93
C THR A 15 1.65 -15.95 36.49
N LEU A 16 1.14 -16.06 35.26
CA LEU A 16 0.36 -14.99 34.66
C LEU A 16 -1.05 -14.96 35.25
N PRO A 17 -1.61 -13.77 35.49
CA PRO A 17 -2.99 -13.69 35.98
C PRO A 17 -3.98 -14.24 34.95
N VAL A 18 -4.98 -14.98 35.45
CA VAL A 18 -5.88 -15.72 34.58
C VAL A 18 -6.68 -14.79 33.68
N ARG A 19 -6.98 -13.57 34.13
CA ARG A 19 -7.83 -12.67 33.37
C ARG A 19 -7.17 -12.16 32.10
N LEU A 20 -5.87 -12.41 31.90
CA LEU A 20 -5.14 -11.90 30.74
C LEU A 20 -4.91 -12.94 29.65
N CYS A 21 -5.20 -14.21 29.92
CA CYS A 21 -4.77 -15.28 29.02
C CYS A 21 -5.47 -15.21 27.67
N LYS A 22 -6.76 -14.84 27.65
CA LYS A 22 -7.44 -14.67 26.38
C LYS A 22 -7.07 -13.37 25.70
N GLU A 23 -6.79 -12.32 26.49
CA GLU A 23 -6.35 -11.05 25.91
C GLU A 23 -4.99 -11.18 25.25
N ILE A 24 -4.11 -12.03 25.79
CA ILE A 24 -2.78 -12.19 25.21
C ILE A 24 -2.87 -12.88 23.84
N GLU A 25 -3.88 -13.71 23.63
CA GLU A 25 -4.04 -14.39 22.34
C GLU A 25 -4.50 -13.45 21.24
N LEU A 26 -4.94 -12.24 21.57
CA LEU A 26 -5.40 -11.29 20.56
C LEU A 26 -4.21 -10.60 19.90
N PHE A 27 -4.35 -10.31 18.60
CA PHE A 27 -3.26 -9.71 17.85
C PHE A 27 -2.95 -8.30 18.35
N HIS A 28 -3.97 -7.53 18.71
CA HIS A 28 -3.82 -6.13 19.10
C HIS A 28 -3.49 -5.97 20.58
N PHE A 29 -3.08 -7.03 21.25
CA PHE A 29 -2.80 -6.94 22.69
C PHE A 29 -1.64 -5.99 22.95
N ASP A 30 -1.82 -5.13 23.96
CA ASP A 30 -0.82 -4.16 24.37
C ASP A 30 -0.23 -4.60 25.70
N ILE A 31 1.08 -4.85 25.73
CA ILE A 31 1.75 -5.23 26.96
C ILE A 31 2.12 -4.04 27.82
N GLY A 32 1.95 -2.83 27.32
CA GLY A 32 2.33 -1.61 28.00
C GLY A 32 2.00 -1.52 29.48
N PRO A 33 0.74 -1.77 29.86
CA PRO A 33 0.35 -1.58 31.26
C PRO A 33 0.90 -2.62 32.23
N PHE A 34 1.70 -3.58 31.79
CA PHE A 34 2.13 -4.69 32.64
C PHE A 34 3.64 -4.89 32.57
N GLU A 35 4.40 -3.82 32.85
CA GLU A 35 5.86 -3.92 32.74
C GLU A 35 6.44 -4.95 33.69
N ASN A 36 5.87 -5.05 34.90
CA ASN A 36 6.38 -6.01 35.88
C ASN A 36 6.30 -7.45 35.35
N MET A 37 5.34 -7.73 34.47
CA MET A 37 5.09 -9.08 34.00
C MET A 37 5.73 -9.39 32.65
N TRP A 38 6.36 -8.42 32.00
CA TRP A 38 6.93 -8.64 30.67
C TRP A 38 7.87 -9.85 30.59
N PRO A 39 8.80 -10.08 31.53
CA PRO A 39 9.59 -11.32 31.45
C PRO A 39 8.74 -12.56 31.62
N GLY A 40 7.70 -12.51 32.46
CA GLY A 40 6.84 -13.66 32.63
C GLY A 40 5.94 -13.90 31.43
N ILE A 41 5.50 -12.83 30.78
CA ILE A 41 4.66 -12.96 29.59
C ILE A 41 5.42 -13.72 28.51
N PHE A 42 6.72 -13.48 28.38
CA PHE A 42 7.51 -14.25 27.43
C PHE A 42 7.61 -15.71 27.84
N VAL A 43 7.77 -15.97 29.15
CA VAL A 43 7.76 -17.34 29.64
C VAL A 43 6.40 -17.98 29.34
N TYR A 44 5.32 -17.26 29.61
CA TYR A 44 3.99 -17.77 29.32
C TYR A 44 3.83 -18.08 27.83
N MET A 45 4.30 -17.18 26.97
CA MET A 45 4.16 -17.39 25.53
C MET A 45 5.04 -18.54 25.04
N VAL A 46 6.22 -18.69 25.62
CA VAL A 46 7.06 -19.85 25.29
C VAL A 46 6.40 -21.13 25.76
N HIS A 47 5.88 -21.13 27.00
CA HIS A 47 5.26 -22.32 27.54
C HIS A 47 3.91 -22.61 26.88
N ARG A 48 3.23 -21.59 26.36
CA ARG A 48 1.97 -21.83 25.68
C ARG A 48 2.19 -22.43 24.30
N SER A 49 3.13 -21.87 23.54
CA SER A 49 3.40 -22.35 22.19
C SER A 49 4.33 -23.56 22.19
N CYS A 50 5.50 -23.41 22.79
CA CYS A 50 6.49 -24.49 22.80
C CYS A 50 6.25 -25.51 23.90
N GLY A 51 5.54 -25.14 24.95
CA GLY A 51 5.25 -26.07 26.04
C GLY A 51 6.32 -26.05 27.11
N THR A 52 5.90 -26.41 28.32
CA THR A 52 6.87 -26.69 29.37
C THR A 52 7.64 -27.97 29.02
N SER A 53 8.86 -28.07 29.54
CA SER A 53 9.83 -29.11 29.23
C SER A 53 10.40 -28.98 27.82
N CYS A 54 10.21 -27.83 27.16
CA CYS A 54 10.92 -27.56 25.91
C CYS A 54 12.29 -26.97 26.19
N PHE A 55 12.38 -26.07 27.18
CA PHE A 55 13.64 -25.57 27.69
C PHE A 55 13.78 -25.96 29.16
N GLU A 56 15.03 -26.19 29.58
CA GLU A 56 15.30 -26.29 31.00
C GLU A 56 14.88 -24.99 31.69
N LEU A 57 14.06 -25.10 32.73
CA LEU A 57 13.35 -23.94 33.26
C LEU A 57 14.32 -22.85 33.70
N GLU A 58 15.33 -23.21 34.51
CA GLU A 58 16.21 -22.18 35.07
C GLU A 58 17.04 -21.51 34.00
N LYS A 59 17.58 -22.28 33.04
CA LYS A 59 18.37 -21.69 31.97
C LYS A 59 17.54 -20.74 31.12
N LEU A 60 16.25 -21.01 30.97
CA LEU A 60 15.37 -20.11 30.22
C LEU A 60 15.20 -18.78 30.95
N CYS A 61 15.17 -18.79 32.28
CA CYS A 61 14.93 -17.58 33.05
C CYS A 61 16.18 -16.73 33.19
N ARG A 62 17.36 -17.36 33.30
CA ARG A 62 18.61 -16.61 33.20
C ARG A 62 18.71 -15.89 31.87
N PHE A 63 18.42 -16.62 30.78
CA PHE A 63 18.51 -16.06 29.44
C PHE A 63 17.65 -14.81 29.30
N ILE A 64 16.39 -14.89 29.74
CA ILE A 64 15.47 -13.77 29.57
C ILE A 64 15.95 -12.55 30.35
N MET A 65 16.32 -12.75 31.62
CA MET A 65 16.76 -11.62 32.43
C MET A 65 18.11 -11.09 31.98
N SER A 66 18.99 -11.97 31.46
CA SER A 66 20.22 -11.48 30.86
C SER A 66 19.94 -10.74 29.56
N VAL A 67 19.01 -11.27 28.75
CA VAL A 67 18.60 -10.58 27.52
C VAL A 67 18.08 -9.18 27.86
N LYS A 68 17.31 -9.07 28.95
CA LYS A 68 16.78 -7.77 29.36
C LYS A 68 17.90 -6.81 29.74
N LYS A 69 18.94 -7.30 30.42
CA LYS A 69 20.03 -6.45 30.85
C LYS A 69 20.69 -5.73 29.68
N ASN A 70 20.83 -6.43 28.54
CA ASN A 70 21.50 -5.88 27.37
C ASN A 70 20.57 -5.07 26.48
N TYR A 71 19.52 -4.46 27.05
CA TYR A 71 18.67 -3.51 26.34
C TYR A 71 18.80 -2.17 27.05
N ARG A 72 19.18 -1.14 26.30
CA ARG A 72 19.43 0.16 26.89
C ARG A 72 18.12 0.93 27.08
N ARG A 73 18.20 2.02 27.83
CA ARG A 73 17.04 2.83 28.18
C ARG A 73 16.69 3.84 27.10
N VAL A 74 16.84 3.45 25.84
CA VAL A 74 16.49 4.28 24.69
C VAL A 74 14.96 4.38 24.63
N PRO A 75 14.40 5.42 24.01
CA PRO A 75 12.94 5.64 24.11
C PRO A 75 12.09 4.62 23.38
N TYR A 76 12.61 3.93 22.36
CA TYR A 76 11.77 3.01 21.60
C TYR A 76 12.40 1.63 21.47
N HIS A 77 13.63 1.55 20.94
CA HIS A 77 14.28 0.28 20.65
C HIS A 77 14.79 -0.36 21.96
N ASN A 78 13.86 -0.67 22.85
CA ASN A 78 14.20 -1.12 24.19
C ASN A 78 13.62 -2.48 24.54
N TRP A 79 13.49 -2.76 25.84
CA TRP A 79 12.99 -4.04 26.30
C TRP A 79 11.49 -4.17 26.05
N LYS A 80 10.75 -3.08 26.17
CA LYS A 80 9.32 -3.10 25.87
C LYS A 80 9.07 -3.47 24.41
N HIS A 81 9.92 -2.98 23.51
CA HIS A 81 9.76 -3.26 22.09
C HIS A 81 10.10 -4.71 21.76
N ALA A 82 11.07 -5.29 22.45
CA ALA A 82 11.44 -6.68 22.19
C ALA A 82 10.29 -7.62 22.54
N VAL A 83 9.68 -7.44 23.71
CA VAL A 83 8.57 -8.31 24.11
C VAL A 83 7.35 -8.03 23.23
N THR A 84 7.14 -6.77 22.87
CA THR A 84 6.03 -6.43 21.97
C THR A 84 6.17 -7.12 20.63
N VAL A 85 7.39 -7.11 20.07
CA VAL A 85 7.63 -7.84 18.82
C VAL A 85 7.47 -9.34 19.04
N ALA A 86 7.93 -9.85 20.19
CA ALA A 86 7.84 -11.28 20.46
C ALA A 86 6.40 -11.74 20.63
N HIS A 87 5.51 -10.87 21.13
CA HIS A 87 4.12 -11.26 21.30
C HIS A 87 3.42 -11.45 19.95
N CYS A 88 3.65 -10.52 19.03
CA CYS A 88 3.03 -10.61 17.71
C CYS A 88 3.46 -11.87 16.97
N MET A 89 4.74 -12.23 17.10
CA MET A 89 5.20 -13.50 16.56
C MET A 89 4.47 -14.67 17.19
N TYR A 90 4.32 -14.65 18.52
CA TYR A 90 3.56 -15.67 19.21
C TYR A 90 2.11 -15.72 18.71
N ALA A 91 1.50 -14.55 18.50
CA ALA A 91 0.14 -14.52 17.97
C ALA A 91 0.09 -15.08 16.56
N ILE A 92 1.13 -14.84 15.76
CA ILE A 92 1.17 -15.37 14.41
C ILE A 92 1.36 -16.88 14.44
N LEU A 93 2.25 -17.38 15.31
CA LEU A 93 2.51 -18.80 15.38
C LEU A 93 1.32 -19.58 15.93
N GLN A 94 0.59 -18.98 16.88
CA GLN A 94 -0.56 -19.67 17.46
C GLN A 94 -1.68 -19.84 16.45
N ASN A 95 -1.87 -18.86 15.56
CA ASN A 95 -2.92 -18.92 14.55
C ASN A 95 -2.46 -19.59 13.27
N ASN A 96 -1.23 -20.10 13.22
CA ASN A 96 -0.73 -20.90 12.11
C ASN A 96 -0.07 -22.16 12.69
N HIS A 97 -0.87 -22.95 13.41
CA HIS A 97 -0.32 -23.98 14.28
C HIS A 97 0.43 -25.07 13.50
N THR A 98 -0.07 -25.42 12.32
CA THR A 98 0.41 -26.60 11.62
C THR A 98 1.53 -26.33 10.63
N LEU A 99 1.83 -25.07 10.33
CA LEU A 99 2.69 -24.74 9.20
C LEU A 99 4.10 -24.36 9.58
N PHE A 100 4.46 -24.39 10.86
CA PHE A 100 5.82 -24.10 11.30
C PHE A 100 6.30 -25.18 12.25
N THR A 101 7.59 -25.48 12.17
CA THR A 101 8.16 -26.60 12.90
C THR A 101 8.34 -26.27 14.39
N ASP A 102 8.73 -27.29 15.14
CA ASP A 102 9.07 -27.08 16.55
C ASP A 102 10.28 -26.19 16.70
N LEU A 103 11.33 -26.45 15.91
CA LEU A 103 12.55 -25.66 15.99
C LEU A 103 12.38 -24.26 15.43
N GLU A 104 11.40 -24.04 14.57
CA GLU A 104 11.14 -22.69 14.05
C GLU A 104 10.44 -21.84 15.10
N ARG A 105 9.42 -22.39 15.75
CA ARG A 105 8.65 -21.62 16.73
C ARG A 105 9.53 -21.15 17.87
N LYS A 106 10.29 -22.06 18.48
CA LYS A 106 11.17 -21.66 19.58
C LYS A 106 12.29 -20.75 19.11
N GLY A 107 12.80 -20.96 17.89
CA GLY A 107 13.86 -20.09 17.39
C GLY A 107 13.37 -18.69 17.09
N LEU A 108 12.16 -18.57 16.54
CA LEU A 108 11.65 -17.25 16.16
C LEU A 108 11.24 -16.43 17.37
N LEU A 109 10.69 -17.08 18.40
CA LEU A 109 10.35 -16.36 19.62
C LEU A 109 11.60 -15.84 20.31
N ILE A 110 12.68 -16.63 20.30
CA ILE A 110 13.96 -16.15 20.82
C ILE A 110 14.50 -15.03 19.95
N ALA A 111 14.36 -15.17 18.63
CA ALA A 111 14.91 -14.17 17.71
C ALA A 111 14.26 -12.81 17.92
N CYS A 112 12.92 -12.79 18.02
CA CYS A 112 12.21 -11.52 18.22
C CYS A 112 12.56 -10.88 19.55
N LEU A 113 12.79 -11.69 20.58
CA LEU A 113 13.19 -11.13 21.87
C LEU A 113 14.58 -10.49 21.81
N CYS A 114 15.43 -10.97 20.88
CA CYS A 114 16.81 -10.52 20.78
C CYS A 114 17.07 -9.68 19.55
N HIS A 115 16.06 -9.38 18.73
CA HIS A 115 16.28 -8.79 17.42
C HIS A 115 16.83 -7.37 17.47
N ASP A 116 16.72 -6.68 18.61
CA ASP A 116 17.20 -5.32 18.76
C ASP A 116 18.15 -5.18 19.94
N LEU A 117 18.97 -6.22 20.17
CA LEU A 117 19.81 -6.28 21.34
C LEU A 117 20.87 -5.18 21.33
N ASP A 118 20.96 -4.43 22.45
CA ASP A 118 21.99 -3.41 22.66
C ASP A 118 21.83 -2.21 21.74
N HIS A 119 20.60 -1.92 21.31
CA HIS A 119 20.37 -0.77 20.46
C HIS A 119 20.70 0.51 21.22
N ARG A 120 21.44 1.40 20.56
CA ARG A 120 21.86 2.67 21.15
C ARG A 120 20.91 3.80 20.85
N GLY A 121 19.84 3.55 20.08
CA GLY A 121 18.95 4.61 19.67
C GLY A 121 19.41 5.36 18.45
N PHE A 122 20.10 4.69 17.53
CA PHE A 122 20.68 5.35 16.36
C PHE A 122 20.38 4.56 15.10
N SER A 123 20.09 5.28 14.02
CA SER A 123 19.87 4.66 12.72
C SER A 123 21.14 3.99 12.24
N ASN A 124 20.99 3.13 11.23
CA ASN A 124 22.16 2.63 10.51
C ASN A 124 22.82 3.75 9.71
N SER A 125 22.03 4.72 9.25
CA SER A 125 22.60 5.87 8.54
C SER A 125 23.53 6.67 9.43
N TYR A 126 23.11 6.92 10.67
CA TYR A 126 23.92 7.69 11.60
C TYR A 126 25.27 7.02 11.84
N LEU A 127 25.25 5.73 12.17
CA LEU A 127 26.49 5.03 12.48
C LEU A 127 27.40 4.95 11.26
N GLN A 128 26.84 4.69 10.09
CA GLN A 128 27.61 4.62 8.86
C GLN A 128 27.97 5.99 8.29
N LYS A 129 27.81 7.06 9.08
CA LYS A 129 28.17 8.41 8.69
C LYS A 129 29.15 9.07 9.64
N PHE A 130 28.99 8.86 10.94
CA PHE A 130 29.82 9.50 11.97
C PHE A 130 30.89 8.54 12.51
N ASP A 131 31.49 7.76 11.62
CA ASP A 131 32.54 6.78 11.89
C ASP A 131 32.55 6.25 13.32
N HIS A 132 31.56 5.46 13.66
CA HIS A 132 31.38 4.75 14.91
C HIS A 132 31.99 3.35 14.78
N PRO A 133 32.54 2.80 15.88
CA PRO A 133 33.14 1.46 15.82
C PRO A 133 32.24 0.39 15.24
N LEU A 134 30.92 0.62 15.25
CA LEU A 134 29.99 -0.35 14.69
C LEU A 134 29.98 -0.35 13.16
N ALA A 135 30.28 0.80 12.54
CA ALA A 135 30.22 0.92 11.09
C ALA A 135 31.54 0.57 10.42
N ALA A 136 32.68 0.81 11.07
CA ALA A 136 33.92 0.20 10.64
C ALA A 136 33.92 -1.31 10.88
N LEU A 137 32.94 -1.80 11.63
CA LEU A 137 32.81 -3.22 11.97
C LEU A 137 31.97 -3.95 10.92
N TYR A 138 30.67 -3.69 10.92
CA TYR A 138 29.74 -4.25 9.95
C TYR A 138 29.35 -3.18 8.95
N SER A 139 29.70 -3.39 7.68
CA SER A 139 29.51 -2.34 6.67
C SER A 139 28.05 -2.26 6.22
N THR A 140 27.35 -3.39 6.15
CA THR A 140 25.93 -3.43 5.86
C THR A 140 25.16 -3.85 7.11
N SER A 141 23.87 -3.54 7.13
CA SER A 141 22.94 -3.92 8.21
C SER A 141 23.63 -3.84 9.56
N THR A 142 24.11 -2.63 9.88
CA THR A 142 25.12 -2.46 10.91
C THR A 142 24.64 -2.96 12.27
N MET A 143 23.52 -2.41 12.77
CA MET A 143 23.03 -2.82 14.08
C MET A 143 22.57 -4.27 14.08
N GLU A 144 22.13 -4.79 12.93
CA GLU A 144 21.54 -6.13 12.89
C GLU A 144 22.56 -7.20 13.22
N GLN A 145 23.71 -7.19 12.54
CA GLN A 145 24.74 -8.18 12.84
C GLN A 145 25.25 -8.05 14.27
N HIS A 146 25.26 -6.83 14.81
CA HIS A 146 25.59 -6.65 16.22
C HIS A 146 24.52 -7.25 17.12
N HIS A 147 23.25 -7.21 16.70
CA HIS A 147 22.18 -7.84 17.47
C HIS A 147 22.37 -9.35 17.53
N PHE A 148 22.61 -9.98 16.39
CA PHE A 148 22.82 -11.42 16.37
C PHE A 148 24.09 -11.79 17.11
N SER A 149 25.14 -10.97 16.98
CA SER A 149 26.38 -11.24 17.70
C SER A 149 26.15 -11.20 19.21
N GLN A 150 25.42 -10.19 19.70
CA GLN A 150 25.09 -10.13 21.11
C GLN A 150 24.24 -11.31 21.54
N THR A 151 23.45 -11.86 20.62
CA THR A 151 22.65 -13.04 20.92
C THR A 151 23.52 -14.28 21.07
N VAL A 152 24.42 -14.49 20.11
CA VAL A 152 25.37 -15.60 20.20
C VAL A 152 26.18 -15.51 21.49
N SER A 153 26.52 -14.27 21.90
CA SER A 153 27.30 -14.08 23.12
C SER A 153 26.55 -14.56 24.34
N ILE A 154 25.29 -14.14 24.49
CA ILE A 154 24.52 -14.48 25.69
C ILE A 154 24.30 -15.98 25.79
N LEU A 155 24.04 -16.65 24.65
CA LEU A 155 23.85 -18.09 24.67
C LEU A 155 25.04 -18.81 25.27
N GLN A 156 26.26 -18.36 24.93
CA GLN A 156 27.48 -19.02 25.38
C GLN A 156 27.87 -18.68 26.81
N LEU A 157 27.07 -17.86 27.50
CA LEU A 157 27.30 -17.64 28.92
C LEU A 157 27.00 -18.90 29.70
N GLU A 158 27.57 -18.99 30.90
CA GLU A 158 27.40 -20.17 31.73
C GLU A 158 25.95 -20.32 32.17
N GLY A 159 25.42 -21.54 32.04
CA GLY A 159 24.05 -21.79 32.45
C GLY A 159 23.00 -21.04 31.65
N HIS A 160 23.33 -20.59 30.45
CA HIS A 160 22.41 -19.86 29.60
C HIS A 160 22.04 -20.58 28.31
N ASN A 161 22.83 -21.56 27.87
CA ASN A 161 22.64 -22.18 26.56
C ASN A 161 21.39 -23.06 26.60
N ILE A 162 20.25 -22.42 26.36
CA ILE A 162 18.96 -23.11 26.32
C ILE A 162 18.87 -24.10 25.17
N PHE A 163 19.82 -24.07 24.23
CA PHE A 163 19.74 -24.88 23.02
C PHE A 163 20.80 -25.98 22.95
N SER A 164 21.78 -26.00 23.85
CA SER A 164 22.81 -27.02 23.80
C SER A 164 22.41 -28.31 24.51
N THR A 165 21.30 -28.32 25.26
CA THR A 165 20.60 -29.56 25.59
C THR A 165 19.86 -30.12 24.38
N LEU A 166 20.51 -29.98 23.24
CA LEU A 166 20.01 -30.37 21.95
C LEU A 166 21.25 -30.58 21.10
N SER A 167 21.11 -31.29 19.98
CA SER A 167 22.22 -31.61 19.11
C SER A 167 23.11 -30.44 18.71
N SER A 168 24.30 -30.76 18.17
CA SER A 168 25.11 -29.78 17.47
C SER A 168 24.72 -29.64 16.01
N SER A 169 23.91 -30.54 15.48
CA SER A 169 23.21 -30.37 14.20
C SER A 169 21.92 -29.58 14.32
N GLU A 170 21.02 -29.99 15.23
CA GLU A 170 19.83 -29.17 15.50
C GLU A 170 20.21 -27.80 16.06
N TYR A 171 21.41 -27.66 16.64
CA TYR A 171 21.85 -26.38 17.21
C TYR A 171 22.04 -25.32 16.13
N GLU A 172 22.88 -25.60 15.14
CA GLU A 172 23.17 -24.54 14.19
C GLU A 172 22.06 -24.38 13.16
N GLN A 173 21.08 -25.29 13.14
CA GLN A 173 19.83 -25.02 12.43
C GLN A 173 19.13 -23.81 13.04
N VAL A 174 18.83 -23.89 14.34
CA VAL A 174 18.06 -22.82 14.99
C VAL A 174 18.85 -21.51 15.00
N LEU A 175 20.18 -21.58 14.99
CA LEU A 175 20.97 -20.35 15.04
C LEU A 175 20.97 -19.64 13.69
N GLU A 176 21.05 -20.37 12.58
CA GLU A 176 20.89 -19.75 11.27
C GLU A 176 19.49 -19.19 11.11
N ILE A 177 18.48 -19.95 11.53
CA ILE A 177 17.10 -19.45 11.54
C ILE A 177 17.02 -18.16 12.34
N ILE A 178 17.71 -18.10 13.47
CA ILE A 178 17.71 -16.88 14.29
C ILE A 178 18.45 -15.76 13.56
N ARG A 179 19.59 -16.06 12.94
CA ARG A 179 20.35 -15.03 12.24
C ARG A 179 19.53 -14.42 11.12
N LYS A 180 18.98 -15.25 10.24
CA LYS A 180 18.16 -14.74 9.13
C LYS A 180 17.02 -13.87 9.64
N ALA A 181 16.37 -14.29 10.72
CA ALA A 181 15.24 -13.53 11.25
C ALA A 181 15.69 -12.16 11.76
N ILE A 182 16.82 -12.11 12.46
CA ILE A 182 17.30 -10.85 13.01
C ILE A 182 17.80 -9.94 11.90
N ILE A 183 18.48 -10.51 10.90
CA ILE A 183 18.94 -9.70 9.77
C ILE A 183 17.76 -9.17 8.98
N ALA A 184 16.69 -9.96 8.86
CA ALA A 184 15.53 -9.55 8.07
C ALA A 184 14.81 -8.35 8.66
N THR A 185 15.05 -8.03 9.94
CA THR A 185 14.44 -6.84 10.53
C THR A 185 15.07 -5.55 10.05
N ASP A 186 16.13 -5.62 9.25
CA ASP A 186 16.64 -4.45 8.54
C ASP A 186 15.62 -4.04 7.49
N LEU A 187 15.00 -2.86 7.69
CA LEU A 187 13.90 -2.47 6.82
C LEU A 187 14.34 -2.27 5.38
N ALA A 188 15.59 -1.86 5.16
CA ALA A 188 16.09 -1.67 3.81
C ALA A 188 16.04 -2.98 3.00
N LEU A 189 16.13 -4.12 3.69
CA LEU A 189 16.06 -5.41 3.02
C LEU A 189 14.62 -5.87 2.79
N TYR A 190 13.66 -5.28 3.50
CA TYR A 190 12.28 -5.75 3.41
C TYR A 190 11.68 -5.49 2.04
N PHE A 191 11.97 -4.31 1.46
CA PHE A 191 11.32 -3.93 0.21
C PHE A 191 11.59 -4.94 -0.89
N GLY A 192 12.84 -5.39 -1.02
CA GLY A 192 13.14 -6.42 -2.00
C GLY A 192 12.56 -7.77 -1.62
N ASN A 193 12.66 -8.15 -0.35
CA ASN A 193 12.13 -9.44 0.09
C ASN A 193 10.63 -9.56 -0.23
N ARG A 194 9.89 -8.47 -0.04
CA ARG A 194 8.44 -8.52 -0.24
C ARG A 194 8.08 -8.53 -1.73
N LYS A 195 8.83 -7.81 -2.56
CA LYS A 195 8.50 -7.74 -3.98
C LYS A 195 8.70 -9.08 -4.67
N GLN A 196 9.63 -9.91 -4.18
CA GLN A 196 9.76 -11.27 -4.70
C GLN A 196 8.65 -12.17 -4.18
N LEU A 197 8.28 -12.01 -2.90
CA LEU A 197 7.15 -12.75 -2.35
C LEU A 197 5.87 -12.44 -3.11
N GLU A 198 5.67 -11.18 -3.48
CA GLU A 198 4.49 -10.80 -4.25
C GLU A 198 4.48 -11.50 -5.60
N GLU A 199 5.65 -11.60 -6.24
CA GLU A 199 5.70 -12.19 -7.58
C GLU A 199 5.46 -13.69 -7.54
N MET A 200 6.00 -14.38 -6.55
CA MET A 200 5.80 -15.82 -6.45
C MET A 200 4.34 -16.16 -6.22
N TYR A 201 3.59 -15.29 -5.56
CA TYR A 201 2.16 -15.50 -5.39
C TYR A 201 1.38 -15.21 -6.67
N GLN A 202 1.88 -14.29 -7.50
CA GLN A 202 1.24 -14.02 -8.78
C GLN A 202 1.32 -15.24 -9.69
N THR A 203 2.53 -15.75 -9.89
CA THR A 203 2.73 -16.90 -10.77
C THR A 203 2.40 -18.23 -10.09
N GLY A 204 2.13 -18.22 -8.78
CA GLY A 204 1.92 -19.46 -8.07
C GLY A 204 3.18 -20.22 -7.75
N SER A 205 4.33 -19.54 -7.70
CA SER A 205 5.62 -20.18 -7.49
C SER A 205 6.00 -20.32 -6.02
N LEU A 206 5.08 -20.00 -5.11
CA LEU A 206 5.40 -20.06 -3.69
C LEU A 206 5.36 -21.51 -3.21
N ASN A 207 6.48 -21.98 -2.66
CA ASN A 207 6.59 -23.35 -2.17
C ASN A 207 7.00 -23.32 -0.70
N LEU A 208 6.12 -23.82 0.16
CA LEU A 208 6.44 -23.92 1.58
C LEU A 208 7.55 -24.93 1.83
N ASN A 209 7.68 -25.94 0.97
CA ASN A 209 8.74 -26.93 1.12
C ASN A 209 10.09 -26.35 0.77
N ASN A 210 10.15 -25.47 -0.25
CA ASN A 210 11.39 -24.78 -0.58
C ASN A 210 11.84 -23.95 0.61
N GLN A 211 13.06 -24.21 1.09
CA GLN A 211 13.52 -23.59 2.32
C GLN A 211 13.94 -22.14 2.12
N SER A 212 14.38 -21.78 0.91
CA SER A 212 14.68 -20.38 0.65
C SER A 212 13.42 -19.54 0.53
N HIS A 213 12.27 -20.17 0.28
CA HIS A 213 10.99 -19.47 0.33
C HIS A 213 10.52 -19.33 1.78
N ARG A 214 10.78 -20.35 2.60
CA ARG A 214 10.52 -20.25 4.03
C ARG A 214 11.22 -19.04 4.63
N ASP A 215 12.50 -18.84 4.27
CA ASP A 215 13.27 -17.74 4.85
C ASP A 215 12.69 -16.39 4.45
N ARG A 216 12.23 -16.27 3.21
CA ARG A 216 11.56 -15.04 2.79
C ARG A 216 10.25 -14.84 3.55
N VAL A 217 9.48 -15.92 3.75
CA VAL A 217 8.22 -15.81 4.47
C VAL A 217 8.47 -15.39 5.92
N ILE A 218 9.46 -16.02 6.56
CA ILE A 218 9.78 -15.67 7.95
C ILE A 218 10.27 -14.23 8.03
N GLY A 219 11.07 -13.80 7.05
CA GLY A 219 11.54 -12.42 7.05
C GLY A 219 10.41 -11.42 7.00
N LEU A 220 9.36 -11.72 6.24
CA LEU A 220 8.19 -10.84 6.21
C LEU A 220 7.44 -10.88 7.55
N MET A 221 7.33 -12.07 8.13
CA MET A 221 6.80 -12.16 9.50
C MET A 221 7.63 -11.34 10.46
N MET A 222 8.96 -11.38 10.32
CA MET A 222 9.83 -10.57 11.16
C MET A 222 9.56 -9.08 10.94
N THR A 223 9.36 -8.66 9.69
CA THR A 223 8.98 -7.28 9.42
C THR A 223 7.62 -6.95 10.03
N ALA A 224 6.69 -7.91 9.97
CA ALA A 224 5.34 -7.67 10.47
C ALA A 224 5.33 -7.47 11.98
N CYS A 225 6.02 -8.35 12.72
CA CYS A 225 6.08 -8.20 14.17
C CYS A 225 6.90 -6.99 14.58
N ASP A 226 7.90 -6.62 13.78
CA ASP A 226 8.72 -5.46 14.11
C ASP A 226 7.91 -4.17 14.07
N LEU A 227 6.96 -4.07 13.14
CA LEU A 227 6.13 -2.88 12.99
C LEU A 227 4.76 -3.04 13.63
N CYS A 228 4.59 -4.05 14.49
CA CYS A 228 3.27 -4.43 14.97
C CYS A 228 2.62 -3.36 15.85
N SER A 229 3.33 -2.28 16.19
CA SER A 229 2.70 -1.20 16.93
C SER A 229 1.64 -0.47 16.12
N VAL A 230 1.71 -0.57 14.78
CA VAL A 230 0.65 0.01 13.94
C VAL A 230 -0.60 -0.86 13.92
N THR A 231 -0.53 -2.08 14.44
CA THR A 231 -1.67 -2.99 14.48
C THR A 231 -2.35 -3.02 15.85
N LYS A 232 -2.05 -2.05 16.70
CA LYS A 232 -2.71 -1.96 18.00
C LYS A 232 -3.92 -1.04 17.91
N LEU A 233 -4.65 -0.93 19.01
CA LEU A 233 -5.76 0.02 19.07
C LEU A 233 -5.23 1.45 18.97
N TRP A 234 -6.05 2.33 18.42
CA TRP A 234 -5.61 3.69 18.13
C TRP A 234 -4.97 4.41 19.31
N PRO A 235 -5.48 4.35 20.55
CA PRO A 235 -4.77 5.02 21.65
C PRO A 235 -3.38 4.47 21.90
N VAL A 236 -3.17 3.17 21.72
CA VAL A 236 -1.86 2.58 21.95
C VAL A 236 -0.92 2.92 20.79
N THR A 237 -1.40 2.76 19.56
CA THR A 237 -0.59 3.08 18.39
C THR A 237 -0.13 4.53 18.41
N LYS A 238 -1.02 5.44 18.81
CA LYS A 238 -0.68 6.86 18.84
C LYS A 238 0.46 7.14 19.82
N LEU A 239 0.35 6.61 21.04
CA LEU A 239 1.35 6.89 22.05
C LEU A 239 2.71 6.29 21.70
N THR A 240 2.71 5.08 21.12
CA THR A 240 3.97 4.48 20.70
C THR A 240 4.67 5.33 19.65
N ALA A 241 3.91 5.99 18.77
CA ALA A 241 4.51 6.86 17.76
C ALA A 241 5.35 7.96 18.41
N ASN A 242 4.94 8.45 19.57
CA ASN A 242 5.73 9.45 20.28
C ASN A 242 7.09 8.89 20.67
N ASP A 243 7.15 7.60 21.01
CA ASP A 243 8.40 7.01 21.46
C ASP A 243 9.43 6.92 20.34
N ILE A 244 9.01 6.48 19.15
CA ILE A 244 9.97 6.32 18.07
C ILE A 244 10.42 7.67 17.52
N TYR A 245 9.55 8.69 17.57
CA TYR A 245 9.95 10.02 17.12
C TYR A 245 10.90 10.67 18.11
N ALA A 246 10.69 10.45 19.41
CA ALA A 246 11.60 10.98 20.41
C ALA A 246 12.99 10.41 20.26
N GLU A 247 13.09 9.15 19.84
CA GLU A 247 14.39 8.54 19.56
C GLU A 247 14.95 9.01 18.23
N PHE A 248 14.09 9.30 17.25
CA PHE A 248 14.55 9.83 15.97
C PHE A 248 15.06 11.26 16.13
N TRP A 249 14.25 12.13 16.76
CA TRP A 249 14.64 13.53 16.91
C TRP A 249 15.90 13.68 17.73
N ALA A 250 16.10 12.81 18.73
CA ALA A 250 17.34 12.84 19.50
C ALA A 250 18.54 12.52 18.61
N GLU A 251 18.37 11.60 17.65
CA GLU A 251 19.42 11.35 16.68
C GLU A 251 19.61 12.55 15.75
N GLY A 252 18.50 13.19 15.37
CA GLY A 252 18.60 14.41 14.58
C GLY A 252 19.20 15.56 15.35
N ASP A 253 18.95 15.63 16.66
CA ASP A 253 19.56 16.66 17.49
C ASP A 253 21.08 16.53 17.49
N GLU A 254 21.59 15.30 17.62
CA GLU A 254 23.03 15.09 17.57
C GLU A 254 23.63 15.42 16.21
N MET A 255 22.80 15.44 15.15
CA MET A 255 23.29 15.84 13.84
C MET A 255 23.38 17.36 13.73
N LYS A 256 22.44 18.08 14.33
CA LYS A 256 22.47 19.54 14.30
C LYS A 256 23.67 20.09 15.06
N LYS A 257 24.09 19.41 16.12
CA LYS A 257 25.24 19.85 16.90
C LYS A 257 26.54 19.80 16.12
N LEU A 258 26.57 19.11 14.98
CA LEU A 258 27.75 19.04 14.12
C LEU A 258 27.57 19.87 12.86
N GLY A 259 26.55 20.71 12.80
CA GLY A 259 26.25 21.49 11.61
C GLY A 259 25.54 20.73 10.52
N ILE A 260 25.09 19.50 10.78
CA ILE A 260 24.44 18.66 9.80
C ILE A 260 22.93 18.81 9.94
N GLN A 261 22.26 19.08 8.83
CA GLN A 261 20.81 19.18 8.83
C GLN A 261 20.20 17.79 8.68
N PRO A 262 19.41 17.32 9.63
CA PRO A 262 18.80 15.99 9.48
C PRO A 262 17.66 16.01 8.48
N ILE A 263 17.30 14.83 8.01
CA ILE A 263 16.13 14.67 7.15
C ILE A 263 14.91 15.01 8.00
N PRO A 264 13.83 15.54 7.40
CA PRO A 264 12.70 16.03 8.21
C PRO A 264 12.13 14.99 9.17
N MET A 265 12.28 13.70 8.87
CA MET A 265 11.80 12.67 9.79
C MET A 265 12.53 12.72 11.12
N MET A 266 13.82 13.07 11.10
CA MET A 266 14.62 13.19 12.31
C MET A 266 14.61 14.60 12.90
N ASP A 267 13.83 15.51 12.34
CA ASP A 267 13.83 16.91 12.73
C ASP A 267 12.63 17.18 13.63
N ARG A 268 12.88 17.48 14.89
CA ARG A 268 11.80 17.78 15.82
C ARG A 268 11.12 19.11 15.50
N ASP A 269 11.79 19.99 14.77
CA ASP A 269 11.17 21.26 14.37
C ASP A 269 10.08 21.08 13.33
N LYS A 270 9.98 19.90 12.71
CA LYS A 270 8.96 19.60 11.72
C LYS A 270 7.96 18.58 12.25
N LYS A 271 7.58 18.74 13.52
CA LYS A 271 6.61 17.83 14.15
C LYS A 271 5.29 17.82 13.40
N ASP A 272 4.87 18.98 12.88
CA ASP A 272 3.53 19.12 12.34
C ASP A 272 3.25 18.22 11.15
N GLU A 273 4.29 17.73 10.48
CA GLU A 273 4.12 16.86 9.32
C GLU A 273 4.25 15.38 9.66
N VAL A 274 4.23 15.04 10.96
CA VAL A 274 4.18 13.63 11.37
C VAL A 274 2.91 12.94 10.86
N PRO A 275 1.71 13.52 10.99
CA PRO A 275 0.52 12.82 10.48
C PRO A 275 0.62 12.43 9.02
N GLN A 276 0.96 13.38 8.15
CA GLN A 276 1.19 13.04 6.75
C GLN A 276 2.37 12.10 6.59
N GLY A 277 3.30 12.09 7.54
CA GLY A 277 4.40 11.14 7.49
C GLY A 277 3.97 9.72 7.79
N GLN A 278 3.13 9.55 8.81
CA GLN A 278 2.62 8.22 9.13
C GLN A 278 1.78 7.67 7.99
N LEU A 279 0.88 8.49 7.45
CA LEU A 279 0.04 8.03 6.35
C LEU A 279 0.87 7.55 5.17
N GLY A 280 1.94 8.28 4.85
CA GLY A 280 2.83 7.83 3.78
C GLY A 280 3.53 6.53 4.13
N PHE A 281 3.94 6.37 5.40
CA PHE A 281 4.59 5.14 5.81
C PHE A 281 3.63 3.96 5.78
N TYR A 282 2.39 4.18 6.23
CA TYR A 282 1.40 3.11 6.20
C TYR A 282 1.16 2.62 4.77
N ASN A 283 1.00 3.55 3.83
CA ASN A 283 0.68 3.17 2.46
C ASN A 283 1.89 2.58 1.75
N ALA A 284 3.09 3.10 2.04
CA ALA A 284 4.27 2.65 1.32
C ALA A 284 4.88 1.39 1.93
N VAL A 285 4.76 1.21 3.25
CA VAL A 285 5.45 0.12 3.92
C VAL A 285 4.47 -0.79 4.65
N ALA A 286 3.69 -0.22 5.57
CA ALA A 286 2.89 -1.03 6.49
C ALA A 286 1.81 -1.83 5.76
N ILE A 287 0.95 -1.15 5.00
CA ILE A 287 -0.13 -1.85 4.30
C ILE A 287 0.39 -2.92 3.35
N PRO A 288 1.41 -2.66 2.52
CA PRO A 288 1.93 -3.75 1.66
C PRO A 288 2.45 -4.95 2.44
N CYS A 289 3.07 -4.71 3.59
CA CYS A 289 3.64 -5.82 4.36
C CYS A 289 2.55 -6.74 4.90
N TYR A 290 1.55 -6.18 5.57
CA TYR A 290 0.50 -7.00 6.16
C TYR A 290 -0.44 -7.57 5.09
N THR A 291 -0.60 -6.87 3.96
CA THR A 291 -1.38 -7.42 2.86
C THR A 291 -0.70 -8.66 2.27
N THR A 292 0.62 -8.59 2.10
CA THR A 292 1.37 -9.74 1.61
C THR A 292 1.35 -10.89 2.61
N LEU A 293 1.52 -10.56 3.90
CA LEU A 293 1.47 -11.58 4.93
C LEU A 293 0.10 -12.23 5.01
N THR A 294 -0.96 -11.44 4.85
CA THR A 294 -2.32 -11.98 4.89
C THR A 294 -2.58 -12.92 3.72
N GLN A 295 -2.04 -12.60 2.54
CA GLN A 295 -2.23 -13.47 1.37
C GLN A 295 -1.57 -14.83 1.58
N ILE A 296 -0.36 -14.84 2.16
CA ILE A 296 0.33 -16.10 2.39
C ILE A 296 -0.23 -16.80 3.61
N LEU A 297 -0.57 -16.06 4.66
CA LEU A 297 -1.12 -16.62 5.89
C LEU A 297 -2.43 -15.89 6.19
N PRO A 298 -3.55 -16.42 5.71
CA PRO A 298 -4.86 -15.77 5.93
C PRO A 298 -5.17 -15.51 7.39
N PRO A 299 -4.84 -16.42 8.32
CA PRO A 299 -5.16 -16.14 9.73
C PRO A 299 -4.52 -14.87 10.30
N THR A 300 -3.60 -14.23 9.60
CA THR A 300 -3.01 -12.97 10.05
C THR A 300 -3.81 -11.76 9.61
N GLU A 301 -5.04 -11.96 9.16
CA GLU A 301 -5.85 -10.84 8.66
C GLU A 301 -6.12 -9.74 9.70
N PRO A 302 -6.34 -10.03 10.99
CA PRO A 302 -6.58 -8.92 11.94
C PRO A 302 -5.46 -7.90 11.99
N LEU A 303 -4.21 -8.28 11.70
CA LEU A 303 -3.14 -7.30 11.64
C LEU A 303 -3.38 -6.30 10.52
N LEU A 304 -3.78 -6.79 9.35
CA LEU A 304 -4.06 -5.90 8.22
C LEU A 304 -5.28 -5.02 8.51
N LYS A 305 -6.29 -5.57 9.18
CA LYS A 305 -7.47 -4.78 9.51
C LYS A 305 -7.13 -3.69 10.52
N ALA A 306 -6.40 -4.05 11.58
CA ALA A 306 -6.02 -3.06 12.59
C ALA A 306 -5.12 -1.98 11.99
N CYS A 307 -4.28 -2.34 11.01
CA CYS A 307 -3.45 -1.34 10.35
C CYS A 307 -4.31 -0.39 9.51
N ARG A 308 -5.31 -0.93 8.82
CA ARG A 308 -6.25 -0.08 8.09
C ARG A 308 -6.98 0.87 9.04
N ASP A 309 -7.39 0.36 10.21
CA ASP A 309 -8.08 1.21 11.18
C ASP A 309 -7.19 2.38 11.61
N ASN A 310 -5.89 2.15 11.76
CA ASN A 310 -5.00 3.20 12.19
C ASN A 310 -4.64 4.16 11.06
N LEU A 311 -4.66 3.68 9.81
CA LEU A 311 -4.47 4.59 8.67
C LEU A 311 -5.60 5.59 8.58
N SER A 312 -6.85 5.13 8.76
CA SER A 312 -7.99 6.04 8.74
C SER A 312 -7.91 7.05 9.87
N GLN A 313 -7.32 6.66 11.00
CA GLN A 313 -7.15 7.61 12.11
C GLN A 313 -6.14 8.70 11.75
N TRP A 314 -5.02 8.32 11.14
CA TRP A 314 -4.09 9.33 10.64
C TRP A 314 -4.72 10.16 9.53
N GLU A 315 -5.59 9.55 8.72
CA GLU A 315 -6.35 10.31 7.73
C GLU A 315 -7.16 11.41 8.42
N LYS A 316 -7.86 11.07 9.50
CA LYS A 316 -8.69 12.05 10.19
C LYS A 316 -7.85 13.16 10.80
N VAL A 317 -6.68 12.82 11.36
CA VAL A 317 -5.82 13.82 11.96
C VAL A 317 -5.42 14.89 10.94
N ILE A 318 -5.06 14.45 9.72
CA ILE A 318 -4.64 15.38 8.68
C ILE A 318 -5.78 16.31 8.30
N ARG A 319 -7.00 15.78 8.19
CA ARG A 319 -8.14 16.55 7.71
C ARG A 319 -8.89 17.26 8.83
N GLY A 320 -8.54 17.02 10.09
CA GLY A 320 -9.30 17.55 11.20
C GLY A 320 -10.60 16.82 11.48
N GLU A 321 -10.96 15.84 10.66
CA GLU A 321 -12.17 15.06 10.84
C GLU A 321 -12.08 14.15 12.06
N SER B 1 -7.73 -13.95 -20.16
CA SER B 1 -8.71 -13.10 -20.81
C SER B 1 -10.07 -13.19 -20.12
N ILE B 2 -10.40 -14.37 -19.63
CA ILE B 2 -11.70 -14.64 -19.02
C ILE B 2 -11.50 -15.04 -17.57
N CYS B 3 -12.43 -14.61 -16.71
CA CYS B 3 -12.37 -14.94 -15.31
C CYS B 3 -12.70 -16.42 -15.09
N THR B 4 -12.57 -16.85 -13.84
CA THR B 4 -12.93 -18.20 -13.43
C THR B 4 -14.16 -18.17 -12.53
N SER B 5 -14.82 -19.32 -12.41
CA SER B 5 -16.06 -19.39 -11.65
C SER B 5 -15.84 -18.99 -10.20
N GLU B 6 -14.72 -19.39 -9.61
CA GLU B 6 -14.43 -19.04 -8.22
C GLU B 6 -14.33 -17.52 -8.04
N GLU B 7 -13.77 -16.83 -9.05
CA GLU B 7 -13.50 -15.41 -8.89
C GLU B 7 -14.78 -14.58 -8.85
N TRP B 8 -15.72 -14.85 -9.76
CA TRP B 8 -16.95 -14.05 -9.77
C TRP B 8 -17.98 -14.56 -8.77
N GLN B 9 -17.87 -15.82 -8.33
CA GLN B 9 -18.68 -16.26 -7.20
C GLN B 9 -18.27 -15.54 -5.92
N GLY B 10 -16.96 -15.46 -5.67
CA GLY B 10 -16.48 -14.73 -4.50
C GLY B 10 -16.82 -13.26 -4.55
N LEU B 11 -16.84 -12.67 -5.75
CA LEU B 11 -17.29 -11.29 -5.88
C LEU B 11 -18.78 -11.18 -5.58
N MET B 12 -19.55 -12.20 -5.93
CA MET B 12 -20.98 -12.19 -5.66
C MET B 12 -21.26 -12.27 -4.15
N GLN B 13 -20.43 -12.97 -3.40
CA GLN B 13 -20.63 -13.08 -1.96
C GLN B 13 -20.03 -11.91 -1.18
N PHE B 14 -19.23 -11.06 -1.82
CA PHE B 14 -18.56 -9.99 -1.11
C PHE B 14 -19.58 -9.01 -0.53
N THR B 15 -19.23 -8.44 0.63
CA THR B 15 -20.02 -7.40 1.26
C THR B 15 -19.07 -6.30 1.75
N LEU B 16 -19.49 -5.06 1.58
CA LEU B 16 -18.65 -3.94 1.95
C LEU B 16 -18.82 -3.61 3.43
N PRO B 17 -17.74 -3.43 4.17
CA PRO B 17 -17.86 -3.03 5.58
C PRO B 17 -18.52 -1.67 5.72
N VAL B 18 -19.25 -1.48 6.82
CA VAL B 18 -20.03 -0.26 7.02
C VAL B 18 -19.14 0.96 7.10
N ARG B 19 -17.92 0.81 7.63
CA ARG B 19 -17.04 1.97 7.78
C ARG B 19 -16.60 2.52 6.43
N LEU B 20 -16.59 1.69 5.39
CA LEU B 20 -16.13 2.15 4.09
C LEU B 20 -17.25 2.79 3.28
N CYS B 21 -18.48 2.26 3.40
CA CYS B 21 -19.60 2.82 2.66
C CYS B 21 -19.75 4.33 2.91
N LYS B 22 -19.41 4.79 4.11
CA LYS B 22 -19.43 6.22 4.38
C LYS B 22 -18.30 6.94 3.65
N GLU B 23 -17.10 6.34 3.64
CA GLU B 23 -15.92 7.03 3.12
C GLU B 23 -15.78 6.91 1.61
N ILE B 24 -16.44 5.95 0.97
CA ILE B 24 -16.39 5.84 -0.48
C ILE B 24 -17.02 7.06 -1.14
N GLU B 25 -18.00 7.68 -0.47
CA GLU B 25 -18.74 8.79 -1.06
C GLU B 25 -17.93 10.08 -1.16
N LEU B 26 -16.75 10.14 -0.54
CA LEU B 26 -15.96 11.36 -0.55
C LEU B 26 -15.00 11.38 -1.73
N PHE B 27 -14.69 12.59 -2.20
CA PHE B 27 -13.81 12.73 -3.37
C PHE B 27 -12.39 12.28 -3.06
N HIS B 28 -11.86 12.69 -1.90
CA HIS B 28 -10.48 12.39 -1.53
C HIS B 28 -10.25 10.92 -1.21
N PHE B 29 -11.28 10.09 -1.22
CA PHE B 29 -11.15 8.69 -0.82
C PHE B 29 -10.09 7.97 -1.63
N ASP B 30 -9.19 7.28 -0.93
CA ASP B 30 -8.09 6.54 -1.55
C ASP B 30 -8.35 5.05 -1.40
N ILE B 31 -8.39 4.34 -2.52
CA ILE B 31 -8.65 2.90 -2.51
C ILE B 31 -7.41 2.06 -2.23
N GLY B 32 -6.24 2.69 -2.19
CA GLY B 32 -4.98 2.02 -1.99
C GLY B 32 -4.95 0.93 -0.92
N PRO B 33 -5.35 1.25 0.31
CA PRO B 33 -5.24 0.27 1.40
C PRO B 33 -6.11 -0.96 1.25
N PHE B 34 -7.09 -0.97 0.35
CA PHE B 34 -8.07 -2.06 0.31
C PHE B 34 -8.06 -2.78 -1.03
N GLU B 35 -6.93 -3.42 -1.37
CA GLU B 35 -6.81 -4.04 -2.69
C GLU B 35 -7.82 -5.17 -2.88
N ASN B 36 -8.04 -5.98 -1.84
CA ASN B 36 -8.88 -7.17 -1.99
C ASN B 36 -10.34 -6.81 -2.26
N MET B 37 -10.78 -5.62 -1.85
CA MET B 37 -12.17 -5.18 -2.02
C MET B 37 -12.38 -4.34 -3.27
N TRP B 38 -11.38 -4.25 -4.15
CA TRP B 38 -11.52 -3.41 -5.33
C TRP B 38 -12.66 -3.85 -6.25
N PRO B 39 -12.79 -5.13 -6.61
CA PRO B 39 -13.96 -5.51 -7.43
C PRO B 39 -15.28 -5.30 -6.70
N GLY B 40 -15.32 -5.57 -5.40
CA GLY B 40 -16.54 -5.37 -4.64
C GLY B 40 -16.89 -3.91 -4.46
N ILE B 41 -15.89 -3.03 -4.46
CA ILE B 41 -16.15 -1.60 -4.37
C ILE B 41 -16.84 -1.11 -5.63
N PHE B 42 -16.41 -1.59 -6.80
CA PHE B 42 -17.07 -1.19 -8.04
C PHE B 42 -18.49 -1.71 -8.11
N VAL B 43 -18.71 -2.98 -7.71
CA VAL B 43 -20.07 -3.51 -7.61
C VAL B 43 -20.93 -2.61 -6.75
N TYR B 44 -20.40 -2.22 -5.59
CA TYR B 44 -21.13 -1.35 -4.68
C TYR B 44 -21.44 -0.01 -5.34
N MET B 45 -20.45 0.59 -6.00
CA MET B 45 -20.65 1.89 -6.64
C MET B 45 -21.69 1.80 -7.75
N VAL B 46 -21.69 0.70 -8.50
CA VAL B 46 -22.69 0.53 -9.56
C VAL B 46 -24.09 0.44 -8.95
N HIS B 47 -24.23 -0.31 -7.85
CA HIS B 47 -25.54 -0.48 -7.24
C HIS B 47 -26.05 0.80 -6.60
N ARG B 48 -25.15 1.61 -6.06
CA ARG B 48 -25.57 2.88 -5.47
C ARG B 48 -25.90 3.91 -6.54
N SER B 49 -25.19 3.87 -7.67
CA SER B 49 -25.43 4.85 -8.73
C SER B 49 -26.60 4.45 -9.62
N CYS B 50 -26.75 3.16 -9.91
CA CYS B 50 -27.70 2.70 -10.90
C CYS B 50 -28.80 1.79 -10.35
N GLY B 51 -28.80 1.52 -9.05
CA GLY B 51 -29.80 0.64 -8.47
C GLY B 51 -29.32 -0.80 -8.36
N THR B 52 -30.13 -1.60 -7.67
CA THR B 52 -29.74 -2.97 -7.36
C THR B 52 -29.96 -3.95 -8.50
N SER B 53 -30.95 -3.71 -9.36
CA SER B 53 -31.19 -4.54 -10.52
C SER B 53 -30.71 -3.88 -11.80
N CYS B 54 -29.75 -2.96 -11.68
CA CYS B 54 -29.05 -2.35 -12.81
C CYS B 54 -28.66 -3.38 -13.86
N PHE B 55 -27.92 -4.40 -13.43
CA PHE B 55 -27.47 -5.47 -14.28
C PHE B 55 -27.75 -6.80 -13.59
N GLU B 56 -27.70 -7.88 -14.37
CA GLU B 56 -27.75 -9.21 -13.79
C GLU B 56 -26.48 -9.45 -12.99
N LEU B 57 -26.64 -9.62 -11.66
CA LEU B 57 -25.50 -9.63 -10.75
C LEU B 57 -24.44 -10.64 -11.18
N GLU B 58 -24.85 -11.75 -11.78
CA GLU B 58 -23.88 -12.75 -12.24
C GLU B 58 -23.06 -12.22 -13.41
N LYS B 59 -23.74 -11.64 -14.42
CA LYS B 59 -23.01 -11.06 -15.54
C LYS B 59 -22.12 -9.92 -15.10
N LEU B 60 -22.63 -9.07 -14.20
CA LEU B 60 -21.85 -7.93 -13.73
C LEU B 60 -20.57 -8.37 -13.05
N CYS B 61 -20.65 -9.43 -12.24
CA CYS B 61 -19.46 -9.92 -11.55
C CYS B 61 -18.51 -10.63 -12.49
N ARG B 62 -19.04 -11.31 -13.52
CA ARG B 62 -18.18 -11.88 -14.55
C ARG B 62 -17.46 -10.77 -15.33
N PHE B 63 -18.18 -9.70 -15.65
CA PHE B 63 -17.59 -8.60 -16.42
C PHE B 63 -16.46 -7.94 -15.65
N ILE B 64 -16.65 -7.70 -14.35
CA ILE B 64 -15.67 -6.97 -13.56
C ILE B 64 -14.41 -7.80 -13.38
N MET B 65 -14.56 -9.08 -13.04
CA MET B 65 -13.40 -9.94 -12.79
C MET B 65 -12.67 -10.29 -14.08
N SER B 66 -13.31 -10.15 -15.24
CA SER B 66 -12.64 -10.37 -16.51
C SER B 66 -11.96 -9.11 -17.03
N VAL B 67 -12.51 -7.94 -16.70
CA VAL B 67 -11.82 -6.69 -17.01
C VAL B 67 -10.53 -6.60 -16.21
N LYS B 68 -10.58 -6.99 -14.93
CA LYS B 68 -9.39 -6.97 -14.09
C LYS B 68 -8.30 -7.85 -14.66
N LYS B 69 -8.66 -9.04 -15.15
CA LYS B 69 -7.67 -9.98 -15.66
C LYS B 69 -7.12 -9.59 -17.01
N ASN B 70 -7.65 -8.55 -17.65
CA ASN B 70 -7.11 -8.05 -18.91
C ASN B 70 -6.37 -6.73 -18.74
N TYR B 71 -6.18 -6.28 -17.50
CA TYR B 71 -5.22 -5.22 -17.21
C TYR B 71 -3.87 -5.85 -16.92
N ARG B 72 -2.81 -5.15 -17.33
CA ARG B 72 -1.47 -5.69 -17.23
C ARG B 72 -0.82 -5.32 -15.90
N ARG B 73 0.32 -5.93 -15.63
CA ARG B 73 1.09 -5.68 -14.41
C ARG B 73 2.14 -4.59 -14.63
N VAL B 74 1.70 -3.47 -15.21
CA VAL B 74 2.57 -2.33 -15.48
C VAL B 74 2.53 -1.40 -14.27
N PRO B 75 3.51 -0.50 -14.11
CA PRO B 75 3.59 0.26 -12.84
C PRO B 75 2.40 1.14 -12.53
N TYR B 76 1.76 1.77 -13.53
CA TYR B 76 0.72 2.76 -13.22
C TYR B 76 -0.61 2.45 -13.90
N HIS B 77 -0.60 2.21 -15.21
CA HIS B 77 -1.84 2.01 -15.96
C HIS B 77 -2.34 0.59 -15.75
N ASN B 78 -2.81 0.32 -14.54
CA ASN B 78 -3.17 -1.03 -14.13
C ASN B 78 -4.56 -1.11 -13.52
N TRP B 79 -4.88 -2.26 -12.92
CA TRP B 79 -6.19 -2.48 -12.32
C TRP B 79 -6.47 -1.47 -11.22
N LYS B 80 -5.44 -1.12 -10.44
CA LYS B 80 -5.61 -0.11 -9.39
C LYS B 80 -6.02 1.23 -9.98
N HIS B 81 -5.45 1.59 -11.13
CA HIS B 81 -5.77 2.87 -11.76
C HIS B 81 -7.22 2.91 -12.23
N ALA B 82 -7.73 1.78 -12.73
CA ALA B 82 -9.10 1.74 -13.24
C ALA B 82 -10.11 2.01 -12.14
N VAL B 83 -9.98 1.32 -11.00
CA VAL B 83 -10.91 1.50 -9.90
C VAL B 83 -10.80 2.91 -9.35
N THR B 84 -9.59 3.46 -9.32
CA THR B 84 -9.39 4.84 -8.87
C THR B 84 -10.12 5.83 -9.78
N VAL B 85 -10.02 5.62 -11.09
CA VAL B 85 -10.74 6.48 -12.03
C VAL B 85 -12.24 6.23 -11.92
N ALA B 86 -12.65 4.97 -11.79
CA ALA B 86 -14.07 4.66 -11.66
C ALA B 86 -14.66 5.27 -10.40
N HIS B 87 -13.88 5.34 -9.31
CA HIS B 87 -14.42 5.91 -8.07
C HIS B 87 -14.63 7.41 -8.19
N CYS B 88 -13.69 8.12 -8.83
CA CYS B 88 -13.87 9.56 -9.01
C CYS B 88 -15.11 9.86 -9.84
N MET B 89 -15.41 9.01 -10.83
CA MET B 89 -16.66 9.16 -11.57
C MET B 89 -17.86 8.95 -10.67
N TYR B 90 -17.82 7.92 -9.83
CA TYR B 90 -18.90 7.67 -8.89
C TYR B 90 -19.18 8.89 -8.02
N ALA B 91 -18.13 9.48 -7.46
CA ALA B 91 -18.30 10.64 -6.59
C ALA B 91 -18.82 11.84 -7.37
N ILE B 92 -18.35 12.01 -8.60
CA ILE B 92 -18.87 13.09 -9.46
C ILE B 92 -20.34 12.86 -9.74
N LEU B 93 -20.70 11.63 -10.12
CA LEU B 93 -22.09 11.32 -10.46
C LEU B 93 -23.01 11.49 -9.25
N GLN B 94 -22.56 11.02 -8.07
CA GLN B 94 -23.40 11.13 -6.89
C GLN B 94 -23.76 12.57 -6.58
N ASN B 95 -22.78 13.47 -6.67
CA ASN B 95 -23.01 14.87 -6.36
C ASN B 95 -23.72 15.63 -7.49
N ASN B 96 -23.98 14.99 -8.62
CA ASN B 96 -24.71 15.58 -9.73
C ASN B 96 -25.62 14.53 -10.36
N HIS B 97 -26.42 13.87 -9.53
CA HIS B 97 -27.06 12.61 -9.94
C HIS B 97 -28.04 12.82 -11.09
N THR B 98 -29.04 13.68 -10.90
CA THR B 98 -30.12 13.78 -11.87
C THR B 98 -29.74 14.61 -13.10
N LEU B 99 -28.58 15.25 -13.12
CA LEU B 99 -28.12 15.90 -14.34
C LEU B 99 -27.82 14.88 -15.43
N PHE B 100 -27.58 13.62 -15.06
CA PHE B 100 -27.21 12.58 -16.00
C PHE B 100 -28.24 11.46 -15.94
N THR B 101 -28.54 10.89 -17.11
CA THR B 101 -29.55 9.85 -17.20
C THR B 101 -29.02 8.54 -16.63
N ASP B 102 -29.95 7.63 -16.35
CA ASP B 102 -29.58 6.30 -15.88
C ASP B 102 -28.69 5.59 -16.89
N LEU B 103 -28.88 5.86 -18.19
CA LEU B 103 -28.06 5.23 -19.22
C LEU B 103 -26.64 5.76 -19.19
N GLU B 104 -26.47 7.06 -18.99
CA GLU B 104 -25.13 7.64 -18.97
C GLU B 104 -24.35 7.18 -17.75
N ARG B 105 -25.02 7.04 -16.61
CA ARG B 105 -24.33 6.61 -15.39
C ARG B 105 -23.84 5.17 -15.53
N LYS B 106 -24.63 4.31 -16.20
CA LYS B 106 -24.17 2.96 -16.48
C LYS B 106 -22.91 2.97 -17.34
N GLY B 107 -22.96 3.64 -18.47
CA GLY B 107 -21.85 3.59 -19.42
C GLY B 107 -20.60 4.27 -18.91
N LEU B 108 -20.75 5.40 -18.22
CA LEU B 108 -19.58 6.15 -17.76
C LEU B 108 -18.78 5.37 -16.74
N LEU B 109 -19.46 4.78 -15.75
CA LEU B 109 -18.75 4.00 -14.74
C LEU B 109 -18.11 2.77 -15.35
N ILE B 110 -18.80 2.12 -16.30
CA ILE B 110 -18.21 1.00 -17.02
C ILE B 110 -17.03 1.47 -17.87
N ALA B 111 -17.15 2.64 -18.49
CA ALA B 111 -16.09 3.13 -19.36
C ALA B 111 -14.84 3.48 -18.56
N CYS B 112 -15.00 4.09 -17.38
CA CYS B 112 -13.84 4.40 -16.54
C CYS B 112 -13.11 3.14 -16.12
N LEU B 113 -13.85 2.11 -15.70
CA LEU B 113 -13.22 0.85 -15.33
C LEU B 113 -12.49 0.20 -16.50
N CYS B 114 -12.88 0.54 -17.73
CA CYS B 114 -12.34 -0.08 -18.93
C CYS B 114 -11.43 0.84 -19.73
N HIS B 115 -11.24 2.08 -19.29
CA HIS B 115 -10.67 3.11 -20.15
C HIS B 115 -9.20 2.88 -20.48
N ASP B 116 -8.49 2.06 -19.71
CA ASP B 116 -7.09 1.76 -19.99
C ASP B 116 -6.86 0.26 -20.15
N LEU B 117 -7.89 -0.45 -20.59
CA LEU B 117 -7.80 -1.90 -20.75
C LEU B 117 -6.65 -2.28 -21.65
N ASP B 118 -5.86 -3.26 -21.21
CA ASP B 118 -4.76 -3.83 -21.98
C ASP B 118 -3.65 -2.80 -22.26
N HIS B 119 -3.52 -1.80 -21.38
CA HIS B 119 -2.45 -0.83 -21.51
C HIS B 119 -1.11 -1.52 -21.34
N ARG B 120 -0.26 -1.44 -22.38
CA ARG B 120 1.02 -2.12 -22.39
C ARG B 120 2.14 -1.30 -21.74
N GLY B 121 1.84 -0.09 -21.28
CA GLY B 121 2.83 0.76 -20.65
C GLY B 121 3.53 1.73 -21.57
N PHE B 122 3.03 1.93 -22.78
CA PHE B 122 3.67 2.82 -23.75
C PHE B 122 2.69 3.91 -24.19
N SER B 123 3.24 5.06 -24.53
CA SER B 123 2.45 6.20 -24.96
C SER B 123 2.06 6.06 -26.43
N ASN B 124 1.13 6.92 -26.86
CA ASN B 124 0.78 6.98 -28.27
C ASN B 124 1.97 7.43 -29.11
N SER B 125 2.76 8.38 -28.60
CA SER B 125 3.90 8.89 -29.35
C SER B 125 4.91 7.79 -29.63
N TYR B 126 5.15 6.90 -28.66
CA TYR B 126 6.04 5.77 -28.89
C TYR B 126 5.51 4.88 -30.00
N LEU B 127 4.26 4.44 -29.89
CA LEU B 127 3.66 3.57 -30.89
C LEU B 127 3.67 4.23 -32.27
N GLN B 128 3.45 5.55 -32.32
CA GLN B 128 3.36 6.23 -33.60
C GLN B 128 4.72 6.53 -34.20
N LYS B 129 5.76 6.70 -33.37
CA LYS B 129 7.09 6.96 -33.90
C LYS B 129 7.74 5.68 -34.41
N PHE B 130 7.49 4.55 -33.76
CA PHE B 130 8.11 3.27 -34.11
C PHE B 130 7.16 2.37 -34.90
N ASP B 131 6.23 2.97 -35.66
CA ASP B 131 5.30 2.25 -36.55
C ASP B 131 4.79 0.95 -35.96
N HIS B 132 4.22 1.01 -34.76
CA HIS B 132 3.73 -0.17 -34.10
C HIS B 132 2.44 -0.67 -34.77
N PRO B 133 2.17 -1.98 -34.74
CA PRO B 133 0.92 -2.49 -35.32
C PRO B 133 -0.33 -1.74 -34.88
N LEU B 134 -0.47 -1.48 -33.58
CA LEU B 134 -1.64 -0.77 -33.08
C LEU B 134 -1.80 0.59 -33.75
N ALA B 135 -0.68 1.29 -34.00
CA ALA B 135 -0.76 2.59 -34.64
C ALA B 135 -1.14 2.50 -36.11
N ALA B 136 -0.92 1.35 -36.75
CA ALA B 136 -1.39 1.17 -38.12
C ALA B 136 -2.89 0.94 -38.16
N LEU B 137 -3.42 0.22 -37.16
CA LEU B 137 -4.85 -0.01 -37.09
C LEU B 137 -5.61 1.25 -36.70
N TYR B 138 -5.01 2.10 -35.88
CA TYR B 138 -5.61 3.37 -35.45
C TYR B 138 -4.55 4.46 -35.59
N SER B 139 -4.77 5.40 -36.51
CA SER B 139 -3.82 6.48 -36.72
C SER B 139 -3.93 7.58 -35.67
N THR B 140 -5.08 7.72 -35.02
CA THR B 140 -5.30 8.74 -34.01
C THR B 140 -5.80 8.10 -32.72
N SER B 141 -5.30 8.59 -31.60
CA SER B 141 -5.66 8.08 -30.27
C SER B 141 -5.53 6.56 -30.23
N THR B 142 -4.33 6.10 -30.56
CA THR B 142 -4.08 4.67 -30.81
C THR B 142 -4.57 3.81 -29.66
N MET B 143 -4.01 4.02 -28.46
CA MET B 143 -4.33 3.15 -27.34
C MET B 143 -5.79 3.29 -26.92
N GLU B 144 -6.32 4.51 -26.96
CA GLU B 144 -7.69 4.74 -26.50
C GLU B 144 -8.70 3.98 -27.36
N GLN B 145 -8.52 3.99 -28.68
CA GLN B 145 -9.38 3.19 -29.54
C GLN B 145 -9.25 1.72 -29.24
N HIS B 146 -8.02 1.26 -28.98
CA HIS B 146 -7.81 -0.14 -28.60
C HIS B 146 -8.51 -0.46 -27.28
N HIS B 147 -8.48 0.47 -26.32
CA HIS B 147 -9.18 0.27 -25.07
C HIS B 147 -10.68 0.05 -25.30
N PHE B 148 -11.25 0.75 -26.28
CA PHE B 148 -12.66 0.59 -26.59
C PHE B 148 -12.94 -0.77 -27.21
N SER B 149 -12.12 -1.18 -28.18
CA SER B 149 -12.33 -2.48 -28.81
C SER B 149 -12.19 -3.63 -27.81
N GLN B 150 -11.20 -3.52 -26.91
CA GLN B 150 -11.07 -4.53 -25.86
C GLN B 150 -12.29 -4.55 -24.96
N THR B 151 -12.93 -3.40 -24.73
CA THR B 151 -14.12 -3.36 -23.91
C THR B 151 -15.28 -4.10 -24.58
N VAL B 152 -15.48 -3.89 -25.88
CA VAL B 152 -16.56 -4.57 -26.58
C VAL B 152 -16.31 -6.07 -26.63
N SER B 153 -15.05 -6.47 -26.82
CA SER B 153 -14.73 -7.90 -26.88
C SER B 153 -14.98 -8.59 -25.54
N ILE B 154 -14.91 -7.86 -24.44
CA ILE B 154 -15.25 -8.45 -23.15
C ILE B 154 -16.76 -8.58 -22.98
N LEU B 155 -17.50 -7.55 -23.42
CA LEU B 155 -18.97 -7.65 -23.44
C LEU B 155 -19.43 -8.86 -24.24
N GLN B 156 -18.69 -9.22 -25.29
CA GLN B 156 -19.08 -10.32 -26.17
C GLN B 156 -18.82 -11.68 -25.58
N LEU B 157 -17.96 -11.78 -24.56
CA LEU B 157 -17.68 -13.07 -23.94
C LEU B 157 -18.96 -13.66 -23.37
N GLU B 158 -19.09 -14.99 -23.48
CA GLU B 158 -20.31 -15.67 -23.07
C GLU B 158 -20.62 -15.41 -21.61
N GLY B 159 -21.79 -14.82 -21.35
CA GLY B 159 -22.21 -14.50 -20.01
C GLY B 159 -21.71 -13.18 -19.46
N HIS B 160 -21.20 -12.29 -20.32
CA HIS B 160 -20.62 -11.03 -19.88
C HIS B 160 -21.40 -9.81 -20.35
N ASN B 161 -22.29 -9.95 -21.34
CA ASN B 161 -22.98 -8.79 -21.88
C ASN B 161 -23.99 -8.23 -20.91
N ILE B 162 -23.55 -7.29 -20.06
CA ILE B 162 -24.42 -6.66 -19.07
C ILE B 162 -25.46 -5.75 -19.69
N PHE B 163 -25.32 -5.40 -20.96
CA PHE B 163 -26.19 -4.45 -21.63
C PHE B 163 -27.25 -5.10 -22.51
N SER B 164 -27.28 -6.44 -22.59
CA SER B 164 -28.15 -7.10 -23.55
C SER B 164 -29.63 -6.85 -23.26
N THR B 165 -30.00 -6.70 -21.99
CA THR B 165 -31.40 -6.45 -21.65
C THR B 165 -31.85 -5.04 -22.02
N LEU B 166 -30.97 -4.22 -22.58
CA LEU B 166 -31.38 -2.93 -23.09
C LEU B 166 -32.02 -3.09 -24.47
N SER B 167 -32.86 -2.11 -24.83
CA SER B 167 -33.40 -2.09 -26.17
C SER B 167 -32.29 -1.82 -27.19
N SER B 168 -32.54 -2.24 -28.43
CA SER B 168 -31.65 -1.84 -29.52
C SER B 168 -31.42 -0.34 -29.54
N SER B 169 -32.45 0.42 -29.14
CA SER B 169 -32.31 1.87 -29.02
C SER B 169 -31.23 2.26 -28.03
N GLU B 170 -31.18 1.59 -26.88
CA GLU B 170 -30.30 1.99 -25.79
C GLU B 170 -28.97 1.25 -25.77
N TYR B 171 -28.92 0.01 -26.28
CA TYR B 171 -27.64 -0.67 -26.44
C TYR B 171 -26.72 0.10 -27.38
N GLU B 172 -27.30 0.79 -28.36
CA GLU B 172 -26.51 1.61 -29.28
C GLU B 172 -26.09 2.92 -28.61
N GLN B 173 -26.94 3.47 -27.76
CA GLN B 173 -26.59 4.72 -27.06
C GLN B 173 -25.46 4.49 -26.07
N VAL B 174 -25.58 3.44 -25.25
CA VAL B 174 -24.63 3.25 -24.16
C VAL B 174 -23.24 2.92 -24.69
N LEU B 175 -23.15 2.24 -25.84
CA LEU B 175 -21.84 1.99 -26.44
C LEU B 175 -21.29 3.22 -27.14
N GLU B 176 -22.16 4.15 -27.54
CA GLU B 176 -21.69 5.42 -28.05
C GLU B 176 -21.24 6.35 -26.93
N ILE B 177 -21.90 6.28 -25.77
CA ILE B 177 -21.43 7.00 -24.59
C ILE B 177 -20.07 6.49 -24.16
N ILE B 178 -19.89 5.16 -24.20
CA ILE B 178 -18.65 4.56 -23.73
C ILE B 178 -17.50 4.87 -24.68
N ARG B 179 -17.73 4.75 -25.99
CA ARG B 179 -16.67 5.03 -26.96
C ARG B 179 -16.20 6.48 -26.84
N LYS B 180 -17.14 7.41 -26.73
CA LYS B 180 -16.77 8.82 -26.56
C LYS B 180 -15.99 9.02 -25.27
N ALA B 181 -16.38 8.33 -24.20
CA ALA B 181 -15.71 8.48 -22.92
C ALA B 181 -14.26 8.02 -23.00
N ILE B 182 -14.03 6.82 -23.54
CA ILE B 182 -12.69 6.25 -23.57
C ILE B 182 -11.77 7.08 -24.48
N ILE B 183 -12.28 7.52 -25.62
CA ILE B 183 -11.49 8.35 -26.52
C ILE B 183 -11.09 9.66 -25.84
N ALA B 184 -12.00 10.20 -25.03
CA ALA B 184 -11.75 11.48 -24.37
C ALA B 184 -10.61 11.40 -23.36
N THR B 185 -10.29 10.20 -22.86
CA THR B 185 -9.15 10.06 -21.95
C THR B 185 -7.82 10.31 -22.63
N ASP B 186 -7.79 10.31 -23.97
CA ASP B 186 -6.62 10.78 -24.72
C ASP B 186 -6.35 12.23 -24.35
N LEU B 187 -5.31 12.47 -23.57
CA LEU B 187 -5.04 13.84 -23.09
C LEU B 187 -4.75 14.81 -24.22
N ALA B 188 -4.32 14.31 -25.38
CA ALA B 188 -4.08 15.20 -26.52
C ALA B 188 -5.36 15.90 -26.96
N LEU B 189 -6.51 15.27 -26.77
CA LEU B 189 -7.79 15.85 -27.13
C LEU B 189 -8.38 16.72 -26.03
N TYR B 190 -7.85 16.65 -24.81
CA TYR B 190 -8.43 17.37 -23.69
C TYR B 190 -8.31 18.88 -23.87
N PHE B 191 -7.17 19.34 -24.41
CA PHE B 191 -6.87 20.77 -24.41
C PHE B 191 -7.84 21.54 -25.29
N GLY B 192 -8.11 21.03 -26.49
CA GLY B 192 -9.12 21.68 -27.33
C GLY B 192 -10.50 21.60 -26.72
N ASN B 193 -10.83 20.49 -26.08
CA ASN B 193 -12.16 20.32 -25.49
C ASN B 193 -12.40 21.31 -24.36
N ARG B 194 -11.37 21.58 -23.55
CA ARG B 194 -11.54 22.48 -22.42
C ARG B 194 -11.66 23.94 -22.89
N LYS B 195 -10.95 24.30 -23.95
CA LYS B 195 -11.01 25.67 -24.44
C LYS B 195 -12.40 25.99 -24.99
N GLN B 196 -13.01 25.04 -25.70
CA GLN B 196 -14.38 25.20 -26.15
C GLN B 196 -15.34 25.29 -24.97
N LEU B 197 -15.15 24.43 -23.96
CA LEU B 197 -16.00 24.47 -22.79
C LEU B 197 -15.82 25.76 -22.01
N GLU B 198 -14.57 26.20 -21.83
CA GLU B 198 -14.32 27.45 -21.13
C GLU B 198 -14.99 28.61 -21.85
N GLU B 199 -15.00 28.58 -23.18
CA GLU B 199 -15.63 29.65 -23.96
C GLU B 199 -17.15 29.61 -23.79
N MET B 200 -17.75 28.43 -23.94
CA MET B 200 -19.20 28.32 -23.81
C MET B 200 -19.70 28.81 -22.46
N TYR B 201 -18.91 28.62 -21.40
CA TYR B 201 -19.35 29.03 -20.07
C TYR B 201 -19.35 30.55 -19.93
N GLN B 202 -18.30 31.22 -20.42
CA GLN B 202 -18.20 32.66 -20.24
C GLN B 202 -19.22 33.40 -21.11
N THR B 203 -19.46 32.91 -22.32
CA THR B 203 -20.40 33.54 -23.25
C THR B 203 -21.82 33.04 -23.08
N GLY B 204 -22.12 32.32 -22.00
CA GLY B 204 -23.47 31.84 -21.75
C GLY B 204 -24.00 30.84 -22.74
N SER B 205 -23.15 30.30 -23.63
CA SER B 205 -23.63 29.35 -24.63
C SER B 205 -23.85 27.96 -24.03
N LEU B 206 -23.23 27.66 -22.90
CA LEU B 206 -23.25 26.30 -22.35
C LEU B 206 -24.67 25.86 -22.04
N ASN B 207 -25.11 24.79 -22.71
CA ASN B 207 -26.45 24.24 -22.54
C ASN B 207 -26.31 22.73 -22.44
N LEU B 208 -26.64 22.16 -21.27
CA LEU B 208 -26.33 20.77 -21.00
C LEU B 208 -27.27 19.78 -21.66
N ASN B 209 -28.39 20.22 -22.23
CA ASN B 209 -29.23 19.35 -23.05
C ASN B 209 -28.95 19.52 -24.53
N ASN B 210 -27.91 20.27 -24.89
CA ASN B 210 -27.32 20.20 -26.22
C ASN B 210 -26.39 18.99 -26.26
N GLN B 211 -26.72 18.01 -27.10
CA GLN B 211 -26.02 16.73 -27.05
C GLN B 211 -24.52 16.91 -27.32
N SER B 212 -24.16 17.85 -28.20
CA SER B 212 -22.75 18.12 -28.44
C SER B 212 -22.09 18.72 -27.20
N HIS B 213 -22.77 19.64 -26.52
CA HIS B 213 -22.25 20.19 -25.28
C HIS B 213 -22.15 19.12 -24.20
N ARG B 214 -23.16 18.25 -24.13
CA ARG B 214 -23.15 17.17 -23.14
C ARG B 214 -21.94 16.26 -23.33
N ASP B 215 -21.61 15.94 -24.58
CA ASP B 215 -20.45 15.09 -24.84
C ASP B 215 -19.16 15.76 -24.41
N ARG B 216 -19.09 17.09 -24.48
CA ARG B 216 -17.87 17.79 -24.08
C ARG B 216 -17.72 17.85 -22.57
N VAL B 217 -18.82 18.00 -21.85
CA VAL B 217 -18.77 17.97 -20.39
C VAL B 217 -18.39 16.58 -19.90
N ILE B 218 -18.98 15.54 -20.51
CA ILE B 218 -18.62 14.17 -20.16
C ILE B 218 -17.15 13.92 -20.42
N GLY B 219 -16.64 14.40 -21.56
CA GLY B 219 -15.23 14.23 -21.87
C GLY B 219 -14.31 14.88 -20.85
N LEU B 220 -14.69 16.09 -20.39
CA LEU B 220 -13.91 16.75 -19.35
C LEU B 220 -14.00 16.00 -18.03
N MET B 221 -15.16 15.38 -17.74
CA MET B 221 -15.28 14.55 -16.55
C MET B 221 -14.35 13.35 -16.64
N MET B 222 -14.17 12.79 -17.83
CA MET B 222 -13.24 11.68 -18.02
C MET B 222 -11.80 12.12 -17.74
N THR B 223 -11.45 13.34 -18.13
CA THR B 223 -10.11 13.86 -17.83
C THR B 223 -9.95 14.11 -16.34
N ALA B 224 -10.97 14.69 -15.71
CA ALA B 224 -10.90 14.95 -14.27
C ALA B 224 -10.72 13.66 -13.49
N CYS B 225 -11.36 12.58 -13.93
CA CYS B 225 -11.24 11.29 -13.27
C CYS B 225 -9.93 10.60 -13.59
N ASP B 226 -9.48 10.71 -14.85
CA ASP B 226 -8.24 10.05 -15.26
C ASP B 226 -7.04 10.58 -14.49
N LEU B 227 -7.08 11.83 -14.05
CA LEU B 227 -5.99 12.45 -13.30
C LEU B 227 -6.29 12.60 -11.82
N CYS B 228 -7.34 11.92 -11.31
CA CYS B 228 -7.86 12.23 -9.99
C CYS B 228 -6.85 12.01 -8.88
N SER B 229 -5.75 11.31 -9.15
CA SER B 229 -4.73 11.09 -8.12
C SER B 229 -4.11 12.40 -7.63
N VAL B 230 -4.19 13.48 -8.42
CA VAL B 230 -3.74 14.79 -7.96
C VAL B 230 -4.76 15.46 -7.04
N THR B 231 -5.87 14.79 -6.74
CA THR B 231 -6.88 15.33 -5.85
C THR B 231 -6.92 14.59 -4.51
N LYS B 232 -5.98 13.68 -4.28
CA LYS B 232 -5.89 12.96 -3.02
C LYS B 232 -5.02 13.75 -2.03
N LEU B 233 -4.88 13.22 -0.83
CA LEU B 233 -3.97 13.81 0.14
C LEU B 233 -2.54 13.70 -0.36
N TRP B 234 -1.70 14.65 0.07
CA TRP B 234 -0.35 14.79 -0.47
C TRP B 234 0.48 13.52 -0.43
N PRO B 235 0.49 12.71 0.64
CA PRO B 235 1.29 11.47 0.59
C PRO B 235 0.79 10.47 -0.43
N VAL B 236 -0.52 10.38 -0.64
CA VAL B 236 -1.07 9.50 -1.68
C VAL B 236 -0.61 9.98 -3.05
N THR B 237 -0.73 11.29 -3.31
CA THR B 237 -0.37 11.84 -4.61
C THR B 237 1.11 11.62 -4.92
N LYS B 238 1.98 11.85 -3.94
CA LYS B 238 3.41 11.68 -4.16
C LYS B 238 3.76 10.21 -4.40
N LEU B 239 3.07 9.30 -3.70
CA LEU B 239 3.29 7.88 -3.93
C LEU B 239 2.86 7.46 -5.33
N THR B 240 1.74 8.02 -5.81
CA THR B 240 1.27 7.68 -7.15
C THR B 240 2.19 8.24 -8.23
N ALA B 241 2.77 9.42 -8.00
CA ALA B 241 3.69 10.00 -8.97
C ALA B 241 4.90 9.09 -9.22
N ASN B 242 5.32 8.34 -8.20
CA ASN B 242 6.40 7.39 -8.40
C ASN B 242 6.00 6.26 -9.35
N ASP B 243 4.72 5.88 -9.34
CA ASP B 243 4.27 4.77 -10.17
C ASP B 243 4.27 5.17 -11.64
N ILE B 244 3.88 6.40 -11.96
CA ILE B 244 3.75 6.81 -13.35
C ILE B 244 5.11 7.14 -13.95
N TYR B 245 6.01 7.74 -13.15
CA TYR B 245 7.37 7.98 -13.64
C TYR B 245 8.11 6.66 -13.83
N ALA B 246 7.87 5.68 -12.96
CA ALA B 246 8.45 4.36 -13.16
C ALA B 246 8.02 3.78 -14.50
N GLU B 247 6.77 4.00 -14.90
CA GLU B 247 6.31 3.56 -16.21
C GLU B 247 6.90 4.43 -17.31
N PHE B 248 6.95 5.75 -17.09
CA PHE B 248 7.50 6.66 -18.10
C PHE B 248 8.99 6.38 -18.34
N TRP B 249 9.75 6.17 -17.27
CA TRP B 249 11.19 5.96 -17.41
C TRP B 249 11.50 4.67 -18.14
N ALA B 250 10.65 3.64 -17.99
CA ALA B 250 10.87 2.39 -18.72
C ALA B 250 10.66 2.60 -20.22
N GLU B 251 9.73 3.46 -20.60
CA GLU B 251 9.60 3.80 -22.02
C GLU B 251 10.81 4.56 -22.52
N GLY B 252 11.30 5.52 -21.73
CA GLY B 252 12.54 6.20 -22.08
C GLY B 252 13.73 5.27 -22.11
N ASP B 253 13.76 4.28 -21.21
CA ASP B 253 14.81 3.27 -21.23
C ASP B 253 14.79 2.50 -22.54
N GLU B 254 13.60 2.08 -22.98
CA GLU B 254 13.50 1.32 -24.22
C GLU B 254 13.94 2.17 -25.42
N MET B 255 13.52 3.44 -25.46
CA MET B 255 13.88 4.31 -26.57
C MET B 255 15.26 4.92 -26.43
N LYS B 256 15.97 4.65 -25.33
CA LYS B 256 17.38 5.01 -25.26
C LYS B 256 18.24 3.95 -25.95
N LYS B 257 17.93 2.67 -25.74
CA LYS B 257 18.58 1.62 -26.51
C LYS B 257 18.32 1.79 -28.00
N LEU B 258 17.15 2.31 -28.36
CA LEU B 258 16.79 2.45 -29.76
C LEU B 258 17.75 3.39 -30.49
N GLY B 259 18.23 4.43 -29.81
CA GLY B 259 19.04 5.46 -30.41
C GLY B 259 18.44 6.85 -30.31
N ILE B 260 17.13 6.95 -30.17
CA ILE B 260 16.46 8.22 -29.92
C ILE B 260 16.75 8.64 -28.48
N GLN B 261 16.36 9.86 -28.13
CA GLN B 261 16.59 10.37 -26.78
C GLN B 261 15.24 10.83 -26.21
N PRO B 262 14.87 10.36 -25.02
CA PRO B 262 13.52 10.63 -24.53
C PRO B 262 13.35 12.06 -24.05
N ILE B 263 12.10 12.46 -23.92
CA ILE B 263 11.73 13.75 -23.33
C ILE B 263 12.09 13.68 -21.85
N PRO B 264 12.33 14.82 -21.18
CA PRO B 264 12.73 14.76 -19.77
C PRO B 264 11.74 14.04 -18.88
N MET B 265 10.46 14.08 -19.22
CA MET B 265 9.44 13.39 -18.43
C MET B 265 9.68 11.88 -18.38
N MET B 266 10.33 11.34 -19.41
CA MET B 266 10.60 9.90 -19.49
C MET B 266 12.08 9.57 -19.37
N ASP B 267 12.88 10.52 -18.87
CA ASP B 267 14.31 10.32 -18.67
C ASP B 267 14.57 10.22 -17.17
N ARG B 268 15.00 9.04 -16.72
CA ARG B 268 15.30 8.84 -15.30
C ARG B 268 16.54 9.59 -14.86
N ASP B 269 17.40 10.01 -15.80
CA ASP B 269 18.56 10.81 -15.43
C ASP B 269 18.20 12.25 -15.06
N LYS B 270 16.90 12.58 -15.03
CA LYS B 270 16.46 13.95 -14.78
C LYS B 270 15.41 14.02 -13.68
N LYS B 271 15.48 13.10 -12.70
CA LYS B 271 14.53 13.13 -11.59
C LYS B 271 14.56 14.44 -10.81
N ASP B 272 15.66 15.19 -10.90
CA ASP B 272 15.79 16.44 -10.15
C ASP B 272 14.63 17.38 -10.43
N GLU B 273 14.22 17.50 -11.69
CA GLU B 273 13.19 18.44 -12.08
C GLU B 273 11.78 17.87 -11.97
N VAL B 274 11.61 16.74 -11.26
CA VAL B 274 10.26 16.24 -11.01
C VAL B 274 9.41 17.25 -10.25
N PRO B 275 9.90 17.88 -9.17
CA PRO B 275 9.07 18.91 -8.51
C PRO B 275 8.67 20.05 -9.44
N GLN B 276 9.56 20.51 -10.31
CA GLN B 276 9.21 21.56 -11.26
C GLN B 276 8.37 21.03 -12.41
N GLY B 277 8.60 19.78 -12.83
CA GLY B 277 7.77 19.20 -13.86
C GLY B 277 6.33 19.01 -13.41
N GLN B 278 6.14 18.64 -12.14
CA GLN B 278 4.79 18.54 -11.60
C GLN B 278 4.13 19.91 -11.49
N LEU B 279 4.89 20.92 -11.05
CA LEU B 279 4.35 22.27 -10.98
C LEU B 279 3.90 22.76 -12.35
N GLY B 280 4.65 22.41 -13.40
CA GLY B 280 4.22 22.74 -14.74
C GLY B 280 2.94 22.03 -15.14
N PHE B 281 2.82 20.75 -14.81
CA PHE B 281 1.62 19.99 -15.16
C PHE B 281 0.40 20.50 -14.40
N TYR B 282 0.57 20.81 -13.12
CA TYR B 282 -0.55 21.34 -12.34
C TYR B 282 -1.03 22.67 -12.91
N ASN B 283 -0.09 23.56 -13.26
CA ASN B 283 -0.48 24.87 -13.75
C ASN B 283 -1.02 24.81 -15.16
N ALA B 284 -0.45 23.95 -16.01
CA ALA B 284 -0.87 23.89 -17.41
C ALA B 284 -2.14 23.08 -17.60
N VAL B 285 -2.29 21.98 -16.84
CA VAL B 285 -3.33 21.01 -17.12
C VAL B 285 -4.28 20.84 -15.94
N ALA B 286 -3.75 20.42 -14.79
CA ALA B 286 -4.60 19.97 -13.69
C ALA B 286 -5.48 21.09 -13.17
N ILE B 287 -4.88 22.23 -12.82
CA ILE B 287 -5.68 23.35 -12.30
C ILE B 287 -6.69 23.85 -13.32
N PRO B 288 -6.34 24.09 -14.59
CA PRO B 288 -7.38 24.49 -15.56
C PRO B 288 -8.52 23.47 -15.68
N CYS B 289 -8.19 22.18 -15.68
CA CYS B 289 -9.22 21.16 -15.85
C CYS B 289 -10.22 21.18 -14.70
N TYR B 290 -9.74 21.16 -13.46
CA TYR B 290 -10.63 21.17 -12.31
C TYR B 290 -11.25 22.54 -12.07
N THR B 291 -10.69 23.60 -12.65
CA THR B 291 -11.33 24.90 -12.59
C THR B 291 -12.57 24.94 -13.48
N THR B 292 -12.43 24.47 -14.72
CA THR B 292 -13.57 24.45 -15.64
C THR B 292 -14.63 23.47 -15.17
N LEU B 293 -14.23 22.30 -14.66
CA LEU B 293 -15.19 21.32 -14.18
C LEU B 293 -15.99 21.86 -13.01
N THR B 294 -15.34 22.60 -12.11
CA THR B 294 -16.06 23.19 -10.98
C THR B 294 -17.04 24.26 -11.44
N GLN B 295 -16.68 25.02 -12.48
CA GLN B 295 -17.61 26.01 -13.01
C GLN B 295 -18.85 25.34 -13.61
N ILE B 296 -18.66 24.23 -14.30
CA ILE B 296 -19.78 23.54 -14.93
C ILE B 296 -20.55 22.71 -13.90
N LEU B 297 -19.83 22.04 -13.00
CA LEU B 297 -20.43 21.22 -11.94
C LEU B 297 -19.92 21.72 -10.60
N PRO B 298 -20.58 22.70 -10.00
CA PRO B 298 -20.11 23.29 -8.73
C PRO B 298 -19.93 22.25 -7.62
N PRO B 299 -20.76 21.21 -7.53
CA PRO B 299 -20.51 20.18 -6.50
C PRO B 299 -19.15 19.50 -6.60
N THR B 300 -18.41 19.66 -7.70
CA THR B 300 -17.08 19.08 -7.83
C THR B 300 -15.99 20.03 -7.36
N GLU B 301 -16.33 21.00 -6.52
CA GLU B 301 -15.34 21.92 -5.99
C GLU B 301 -14.24 21.27 -5.16
N PRO B 302 -14.51 20.27 -4.30
CA PRO B 302 -13.42 19.68 -3.51
C PRO B 302 -12.27 19.14 -4.35
N LEU B 303 -12.53 18.67 -5.57
CA LEU B 303 -11.45 18.22 -6.43
C LEU B 303 -10.49 19.36 -6.74
N LEU B 304 -11.02 20.56 -7.00
CA LEU B 304 -10.17 21.71 -7.27
C LEU B 304 -9.38 22.11 -6.02
N LYS B 305 -10.06 22.17 -4.87
CA LYS B 305 -9.39 22.56 -3.63
C LYS B 305 -8.24 21.61 -3.29
N ALA B 306 -8.48 20.30 -3.42
CA ALA B 306 -7.41 19.34 -3.18
C ALA B 306 -6.32 19.44 -4.23
N CYS B 307 -6.68 19.80 -5.47
CA CYS B 307 -5.68 20.03 -6.50
C CYS B 307 -4.78 21.20 -6.12
N ARG B 308 -5.38 22.28 -5.60
CA ARG B 308 -4.60 23.44 -5.17
C ARG B 308 -3.71 23.08 -3.98
N ASP B 309 -4.19 22.21 -3.09
CA ASP B 309 -3.40 21.81 -1.93
C ASP B 309 -2.11 21.12 -2.36
N ASN B 310 -2.21 20.17 -3.30
CA ASN B 310 -1.03 19.49 -3.80
C ASN B 310 -0.16 20.40 -4.65
N LEU B 311 -0.71 21.50 -5.17
CA LEU B 311 0.09 22.46 -5.90
C LEU B 311 1.05 23.19 -4.96
N SER B 312 0.55 23.69 -3.83
CA SER B 312 1.42 24.33 -2.85
C SER B 312 2.43 23.35 -2.30
N GLN B 313 2.02 22.09 -2.08
CA GLN B 313 2.96 21.08 -1.59
C GLN B 313 4.13 20.91 -2.54
N TRP B 314 3.87 21.00 -3.85
CA TRP B 314 4.97 20.93 -4.81
C TRP B 314 5.78 22.23 -4.82
N GLU B 315 5.11 23.37 -4.60
CA GLU B 315 5.81 24.64 -4.54
C GLU B 315 6.87 24.64 -3.44
N LYS B 316 6.56 24.03 -2.30
CA LYS B 316 7.50 24.03 -1.18
C LYS B 316 8.69 23.13 -1.47
N VAL B 317 8.46 21.96 -2.08
CA VAL B 317 9.55 21.05 -2.42
C VAL B 317 10.53 21.72 -3.37
N ILE B 318 10.04 22.64 -4.21
CA ILE B 318 10.93 23.39 -5.08
C ILE B 318 11.75 24.41 -4.28
N ARG B 319 11.18 24.94 -3.20
CA ARG B 319 11.88 25.91 -2.37
C ARG B 319 12.80 25.23 -1.36
C10 A1LWO C . 8.24 12.13 6.98
C13 A1LWO C . 7.69 8.83 8.75
C15 A1LWO C . 8.15 7.35 10.59
C17 A1LWO C . 7.40 5.08 10.66
C18 A1LWO C . 7.88 4.95 11.95
C21 A1LWO C . 6.91 2.35 14.05
C11 A1LWO C . 8.10 10.78 7.20
C12 A1LWO C . 7.82 10.31 8.47
C16 A1LWO C . 7.53 6.27 9.97
C2 A1LWO C . 8.51 12.65 5.59
C22 A1LWO C . 5.96 1.85 15.09
C26 A1LWO C . 8.04 1.72 13.52
C27 A1LWO C . 8.58 2.61 12.63
C28 A1LWO C . 9.81 2.45 11.81
C29 A1LWO C . 10.37 1.18 11.66
C30 A1LWO C . 11.54 1.04 10.93
C31 A1LWO C . 12.19 -0.30 10.75
C33 A1LWO C . 11.60 3.31 10.52
C34 A1LWO C . 10.44 3.53 11.23
C35 A1LWO C . 8.49 6.03 12.56
C36 A1LWO C . 8.63 7.23 11.88
C38 A1LWO C . 7.82 12.45 9.34
C39 A1LWO C . 7.67 13.30 10.45
C4 A1LWO C . 6.06 13.02 5.30
C40 A1LWO C . 7.80 14.66 10.32
C41 A1LWO C . 8.07 15.22 9.09
C42 A1LWO C . 8.23 14.43 7.99
C43 A1LWO C . 8.11 13.02 8.08
C5 A1LWO C . 5.71 14.14 4.31
C6 A1LWO C . 4.71 13.90 3.17
C8 A1LWO C . 4.82 15.30 4.79
C9 A1LWO C . 7.22 14.35 4.03
F23 A1LWO C . 6.40 2.10 16.32
F24 A1LWO C . 4.76 2.41 15.00
F25 A1LWO C . 5.77 0.54 15.01
N19 A1LWO C . 7.77 3.72 12.65
N20 A1LWO C . 6.72 3.56 13.53
N3 A1LWO C . 7.48 13.27 5.01
N32 A1LWO C . 12.16 2.09 10.35
N37 A1LWO C . 7.68 11.10 9.52
N7 A1LWO C . 3.77 14.89 3.80
O1 A1LWO C . 9.59 12.51 5.06
O14 A1LWO C . 8.32 8.58 10.01
ZN ZN D . 12.97 -3.83 15.90
MG MG E . 16.56 -3.83 14.60
C10 A1LWO F . 9.22 17.64 -17.03
C13 A1LWO F . 5.84 16.22 -16.11
C15 A1LWO F . 4.42 14.32 -15.65
C17 A1LWO F . 2.05 14.50 -15.27
C18 A1LWO F . 1.99 13.13 -15.00
C21 A1LWO F . -0.68 11.73 -13.28
C11 A1LWO F . 7.86 17.44 -17.00
C12 A1LWO F . 7.32 16.49 -16.13
C16 A1LWO F . 3.26 15.10 -15.59
C2 A1LWO F . 9.80 18.64 -17.98
C22 A1LWO F . -1.28 11.37 -11.96
C26 A1LWO F . -1.16 11.47 -14.56
C27 A1LWO F . -0.22 11.98 -15.42
C28 A1LWO F . -0.27 11.96 -16.90
C29 A1LWO F . -1.40 11.47 -17.54
C30 A1LWO F . -1.45 11.43 -18.93
C31 A1LWO F . -2.66 10.92 -19.65
C33 A1LWO F . 0.67 12.32 -19.06
C34 A1LWO F . 0.79 12.38 -17.69
C35 A1LWO F . 3.17 12.37 -15.07
C36 A1LWO F . 4.36 12.96 -15.39
C38 A1LWO F . 9.41 15.93 -15.33
C39 A1LWO F . 10.20 15.13 -14.47
C4 A1LWO F . 10.39 20.33 -16.10
C40 A1LWO F . 11.56 15.25 -14.46
C41 A1LWO F . 12.19 16.17 -15.28
C42 A1LWO F . 11.46 16.97 -16.12
C43 A1LWO F . 10.05 16.86 -16.17
C5 A1LWO F . 10.93 21.63 -16.73
C6 A1LWO F . 10.34 23.00 -16.39
C8 A1LWO F . 12.31 22.17 -16.32
C9 A1LWO F . 10.73 21.02 -18.14
F23 A1LWO F . -1.33 12.40 -11.13
F24 A1LWO F . -2.52 10.92 -12.08
F25 A1LWO F . -0.59 10.42 -11.35
N19 A1LWO F . 0.76 12.52 -14.63
N20 A1LWO F . 0.49 12.36 -13.30
N3 A1LWO F . 10.24 19.81 -17.46
N32 A1LWO F . -0.42 11.86 -19.68
N37 A1LWO F . 8.05 15.75 -15.31
N7 A1LWO F . 11.73 23.54 -16.15
O1 A1LWO F . 9.87 18.39 -19.17
O14 A1LWO F . 5.67 14.81 -15.96
ZN ZN G . -6.12 6.45 -17.47
MG MG H . -5.35 6.15 -21.11
#